data_5OE1
#
_entry.id   5OE1
#
loop_
_entity.id
_entity.type
_entity.pdbx_description
1 polymer "DNA (5'-D(*CP*GP*AP*TP*GP*TP*AP*CP*AP*TP*CP*G)-3')"
2 non-polymer '1-methylimidazole-2-carboxylic acid'
3 non-polymer '4-AMINO-(1-METHYLPYRROLE)-2-CARBOXYLIC ACID'
4 non-polymer 'GAMMA-AMINO-BUTANOIC ACID'
5 non-polymer '4-AMINO-(1-METHYLIMIDAZOLE)-2-CARBOXYLIC ACID'
6 non-polymer 3-(3-azaniumylpropanoylamino)propyl-dimethyl-azanium
#
_entity_poly.entity_id   1
_entity_poly.type   'polydeoxyribonucleotide'
_entity_poly.pdbx_seq_one_letter_code
;(DCZ)(DG)(DA)(DT)(DG)(DT)(DA)(DC)(DA)(DT)(DC)(DG)
;
_entity_poly.pdbx_strand_id   A,B
#
loop_
_chem_comp.id
_chem_comp.type
_chem_comp.name
_chem_comp.formula
9T8 non-polymer 3-(3-azaniumylpropanoylamino)propyl-dimethyl-azanium 'C8 H21 N3 O 2'
9TK non-polymer '1-methylimidazole-2-carboxylic acid' 'C5 H6 N2 O2'
ABU non-polymer 'GAMMA-AMINO-BUTANOIC ACID' 'C4 H9 N O2'
DA DNA linking 2'-DEOXYADENOSINE-5'-MONOPHOSPHATE 'C10 H14 N5 O6 P'
DC DNA linking 2'-DEOXYCYTIDINE-5'-MONOPHOSPHATE 'C9 H14 N3 O7 P'
DCZ DNA OH 5 prime terminus 2'-DEOXYCYTIDINE 'C9 H13 N3 O4'
DG DNA linking 2'-DEOXYGUANOSINE-5'-MONOPHOSPHATE 'C10 H14 N5 O7 P'
DT DNA linking THYMIDINE-5'-MONOPHOSPHATE 'C10 H15 N2 O8 P'
IMT non-polymer '4-AMINO-(1-METHYLIMIDAZOLE)-2-CARBOXYLIC ACID' 'C5 H7 N3 O2'
PYB non-polymer '4-AMINO-(1-METHYLPYRROLE)-2-CARBOXYLIC ACID' 'C6 H8 N2 O2'
#
# COMPACT_ATOMS: atom_id res chain seq x y z
N1 DCZ A 1 -9.63 -12.71 -5.02
C2 DCZ A 1 -10.56 -12.21 -5.95
N3 DCZ A 1 -10.76 -10.86 -6.07
C4 DCZ A 1 -10.05 -10.05 -5.33
C5 DCZ A 1 -9.07 -10.49 -4.40
C6 DCZ A 1 -8.88 -11.83 -4.26
O2 DCZ A 1 -11.21 -12.93 -6.69
N4 DCZ A 1 -10.29 -8.77 -5.48
C1' DCZ A 1 -9.51 -14.21 -4.88
C2' DCZ A 1 -8.45 -14.73 -3.90
C3' DCZ A 1 -8.87 -16.19 -3.76
C4' DCZ A 1 -10.40 -16.09 -3.92
O4' DCZ A 1 -10.70 -14.76 -4.32
O3' DCZ A 1 -8.30 -16.97 -4.80
C5' DCZ A 1 -11.18 -16.45 -2.64
O5' DCZ A 1 -10.92 -15.55 -1.56
H5 DCZ A 1 -8.48 -9.80 -3.81
H6 DCZ A 1 -8.14 -12.19 -3.56
HN41 DCZ A 1 -11.01 -8.51 -6.13
HN42 DCZ A 1 -9.77 -8.10 -4.95
H1' DCZ A 1 -9.33 -14.64 -5.87
H2'1 DCZ A 1 -8.54 -14.24 -2.93
H2'2 DCZ A 1 -7.45 -14.64 -4.31
H3' DCZ A 1 -8.61 -16.57 -2.77
H4' DCZ A 1 -10.70 -16.79 -4.71
H5'1 DCZ A 1 -12.25 -16.44 -2.87
H5'2 DCZ A 1 -10.91 -17.46 -2.34
HO51 DCZ A 1 -11.19 -14.64 -1.82
N1 DCZ B 1 6.19 -1.17 16.13
C2 DCZ B 1 5.57 -0.22 16.95
N3 DCZ B 1 5.55 1.10 16.62
C4 DCZ B 1 6.09 1.46 15.48
C5 DCZ B 1 6.66 0.54 14.56
C6 DCZ B 1 6.70 -0.76 14.91
O2 DCZ B 1 5.00 -0.53 18.00
N4 DCZ B 1 6.08 2.73 15.22
C1' DCZ B 1 6.33 -2.58 16.59
C2' DCZ B 1 5.46 -3.53 15.77
C3' DCZ B 1 6.25 -4.83 15.73
C4' DCZ B 1 7.70 -4.34 15.90
O4' DCZ B 1 7.67 -3.01 16.38
O3' DCZ B 1 5.85 -5.74 16.75
C5' DCZ B 1 8.49 -4.44 14.58
O5' DCZ B 1 7.85 -3.83 13.46
H5 DCZ B 1 7.07 0.85 13.60
H6 DCZ B 1 7.13 -1.51 14.25
HN41 DCZ B 1 5.65 3.38 15.88
HN42 DCZ B 1 6.42 3.06 14.33
H1' DCZ B 1 6.07 -2.68 17.65
H2'1 DCZ B 1 5.32 -3.17 14.76
H2'2 DCZ B 1 4.49 -3.68 16.26
H3' DCZ B 1 6.12 -5.29 14.74
H4' DCZ B 1 8.19 -4.98 16.63
H5'1 DCZ B 1 9.47 -3.97 14.73
H5'2 DCZ B 1 8.67 -5.50 14.36
HO51 DCZ B 1 8.38 -3.96 12.65
O81 9TK C . 5.43 2.69 -4.73
C81 9TK C . 4.52 2.02 -4.24
C83 9TK C . 5.18 -1.55 -4.58
N81 9TK C . 5.54 -0.23 -4.77
C88 9TK C . 6.79 0.20 -5.38
C82 9TK C . 4.48 0.52 -4.25
N82 9TK C . 3.52 -0.26 -3.78
C84 9TK C . 3.96 -1.54 -3.99
H84 9TK C . 5.80 -2.37 -4.90
H883 9TK C . 7.28 -0.65 -5.89
H882 9TK C . 7.47 0.58 -4.60
H881 9TK C . 6.61 0.99 -6.12
H83 9TK C . 3.36 -2.40 -3.72
N PYB D . 3.42 2.61 -3.62
CA PYB D . 3.16 3.97 -3.49
CB1 PYB D . 2.09 4.51 -2.72
CB PYB D . 3.85 4.98 -4.08
CG1 PYB D . 2.17 5.88 -2.84
NG2 PYB D . 3.29 6.17 -3.65
CD PYB D . 3.90 7.48 -3.93
C PYB D . 1.28 6.97 -2.33
O PYB D . 1.44 8.13 -2.70
H PYB D . 2.80 1.94 -3.18
HB1 PYB D . 1.35 3.95 -2.17
HB PYB D . 4.71 4.96 -4.74
HD1 PYB D . 4.90 7.34 -4.36
HD2 PYB D . 3.28 8.04 -4.63
HD3 PYB D . 4.01 8.05 -2.99
N PYB E . 0.29 6.63 -1.42
CA PYB E . -0.68 7.51 -0.93
CB1 PYB E . -1.43 7.37 0.27
CB PYB E . -1.04 8.69 -1.53
CG1 PYB E . -2.18 8.52 0.43
NG2 PYB E . -1.94 9.32 -0.69
CD PYB E . -2.50 10.64 -1.04
C PYB E . -3.12 8.97 1.50
O PYB E . -3.72 10.02 1.41
H PYB E . 0.37 5.69 -1.04
HB1 PYB E . -1.37 6.53 0.95
HB PYB E . -0.71 9.13 -2.45
HD1 PYB E . -2.17 11.38 -0.28
HD2 PYB E . -3.60 10.59 -1.04
HD3 PYB E . -2.16 10.96 -2.02
N PYB F . -3.30 8.15 2.61
CA PYB F . -4.17 8.39 3.68
CB1 PYB F . -4.30 7.58 4.84
CB PYB F . -5.05 9.44 3.80
CG1 PYB F . -5.24 8.17 5.66
NG2 PYB F . -5.69 9.32 5.01
CD PYB F . -6.71 10.28 5.49
C PYB F . -5.81 7.74 6.97
O PYB F . -6.62 8.38 7.62
H PYB F . -2.69 7.33 2.64
HB1 PYB F . -3.75 6.67 5.04
HB PYB F . -5.27 10.26 3.14
HD1 PYB F . -6.37 10.74 6.42
HD2 PYB F . -7.66 9.77 5.65
HD3 PYB F . -6.86 11.07 4.73
N ABU G . -5.41 6.50 7.41
CD ABU G . -6.08 5.86 8.56
CB ABU G . -5.80 4.35 8.68
CG ABU G . -6.37 3.47 7.52
C ABU G . -7.21 4.21 6.47
O ABU G . -8.35 4.57 6.70
H ABU G . -4.69 6.02 6.89
HA1 ABU G . -5.77 6.35 9.48
HA2 ABU G . -7.16 6.02 8.48
HB1 ABU G . -6.26 4.00 9.61
HB2 ABU G . -4.73 4.17 8.79
HG1 ABU G . -6.99 2.68 7.95
HG2 ABU G . -5.53 2.97 7.03
N IMT H . -6.57 4.45 5.28
CA IMT H . -6.87 5.35 4.30
NB1 IMT H . -6.16 5.48 3.14
CB IMT H . -7.87 6.28 4.38
CG1 IMT H . -6.72 6.50 2.50
NG2 IMT H . -7.79 7.03 3.22
CD IMT H . -8.72 8.11 2.87
C IMT H . -6.32 7.10 1.17
O IMT H . -6.85 8.11 0.70
H IMT H . -5.73 3.90 5.13
HB IMT H . -8.59 6.48 5.16
HD1 IMT H . -8.18 9.06 2.80
HD2 IMT H . -9.21 7.88 1.91
HD3 IMT H . -9.51 8.19 3.64
N PYB I . -5.31 6.43 0.48
CA PYB I . -4.74 6.79 -0.75
CB1 PYB I . -3.79 6.02 -1.49
CB PYB I . -5.00 7.94 -1.44
CG1 PYB I . -3.51 6.72 -2.65
NG2 PYB I . -4.27 7.89 -2.62
CD PYB I . -4.39 8.95 -3.63
C PYB I . -2.56 6.45 -3.78
O PYB I . -2.45 7.25 -4.70
H PYB I . -5.01 5.56 0.92
HB1 PYB I . -3.38 5.07 -1.18
HB PYB I . -5.64 8.78 -1.21
HD1 PYB I . -5.07 9.73 -3.30
HD2 PYB I . -3.41 9.41 -3.80
HD3 PYB I . -4.76 8.52 -4.57
N PYB J . -1.79 5.28 -3.79
CA PYB J . -0.73 5.04 -4.66
CB1 PYB J . -0.13 3.80 -5.00
CB PYB J . -0.05 6.03 -5.35
CG1 PYB J . 0.84 4.05 -5.96
NG2 PYB J . 0.91 5.44 -6.13
CD PYB J . 1.86 6.23 -6.92
C PYB J . 1.76 3.16 -6.75
O PYB J . 2.48 3.59 -7.63
H PYB J . -2.10 4.56 -3.15
HB1 PYB J . -0.42 2.83 -4.61
HB PYB J . -0.17 7.11 -5.32
HD1 PYB J . 1.79 7.29 -6.64
HD2 PYB J . 2.89 5.89 -6.72
HD3 PYB J . 1.65 6.12 -7.98
N PYB K . 1.77 1.79 -6.46
CA PYB K . 2.66 0.86 -6.99
CB1 PYB K . 2.60 -0.54 -6.74
CB PYB K . 3.75 1.09 -7.80
CG1 PYB K . 3.63 -1.14 -7.42
NG2 PYB K . 4.35 -0.13 -8.07
CD PYB K . 5.53 -0.28 -8.93
C PYB K . 4.04 -2.56 -7.44
O PYB K . 5.07 -3.00 -7.94
H PYB K . 1.05 1.49 -5.82
HB1 PYB K . 1.86 -1.02 -6.11
HB PYB K . 4.16 2.02 -8.18
HD1 PYB K . 6.40 -0.57 -8.32
HD2 PYB K . 5.35 -1.05 -9.68
HD3 PYB K . 5.75 0.66 -9.44
C01 9T8 L . 10.51 -9.88 -4.98
N02 9T8 L . 5.61 -6.62 -5.56
C03 9T8 L . 8.61 -8.94 -6.27
C05 9T8 L . 6.98 -7.10 -5.48
C06 9T8 L . 5.16 -5.48 -4.93
C07 9T8 L . 3.68 -5.21 -5.14
C04 9T8 L . 7.17 -8.37 -6.34
N01 9T8 L . 9.06 -9.39 -4.89
C02 9T8 L . 8.20 -10.54 -4.37
N03 9T8 L . 3.17 -3.39 -6.78
C08 9T8 L . 3.33 -4.83 -6.59
O01 9T8 L . 5.90 -4.78 -4.26
H006 9T8 L . 11.15 -9.06 -5.33
H004 9T8 L . 10.57 -10.71 -5.70
H005 9T8 L . 10.86 -10.22 -4.00
HN02 9T8 L . 4.93 -7.14 -6.09
H031 9T8 L . 8.67 -9.80 -6.94
H032 9T8 L . 9.30 -8.18 -6.62
H052 9T8 L . 7.66 -6.31 -5.84
H051 9T8 L . 7.23 -7.31 -4.43
H072 9T8 L . 3.35 -4.44 -4.43
H071 9T8 L . 3.15 -6.12 -4.85
H042 9T8 L . 6.45 -9.14 -6.02
H041 9T8 L . 6.94 -8.13 -7.38
HN01 9T8 L . 9.02 -8.60 -4.21
H001 9T8 L . 7.17 -10.20 -4.22
H002 9T8 L . 8.59 -10.90 -3.41
H003 9T8 L . 8.19 -11.37 -5.09
H1 9T8 L . 2.29 -2.95 -6.50
H081 9T8 L . 2.37 -5.31 -6.87
H082 9T8 L . 4.09 -5.22 -7.29
N1 DCZ A 1 -7.39 -11.53 -6.05
C2 DCZ A 1 -6.87 -10.85 -7.17
N3 DCZ A 1 -6.20 -9.68 -7.03
C4 DCZ A 1 -6.05 -9.20 -5.80
C5 DCZ A 1 -6.58 -9.81 -4.64
C6 DCZ A 1 -7.25 -10.98 -4.79
O2 DCZ A 1 -7.01 -11.28 -8.31
N4 DCZ A 1 -5.37 -8.09 -5.72
C1' DCZ A 1 -8.05 -12.86 -6.28
C2' DCZ A 1 -8.20 -13.79 -5.07
C3' DCZ A 1 -9.12 -14.85 -5.67
C4' DCZ A 1 -10.00 -13.99 -6.59
O4' DCZ A 1 -9.38 -12.72 -6.70
O3' DCZ A 1 -8.35 -15.79 -6.42
C5' DCZ A 1 -11.45 -13.85 -6.08
O5' DCZ A 1 -11.53 -13.22 -4.79
H5 DCZ A 1 -6.45 -9.38 -3.66
H6 DCZ A 1 -7.67 -11.47 -3.93
HN41 DCZ A 1 -5.08 -7.66 -6.59
HN42 DCZ A 1 -5.28 -7.64 -4.83
H1' DCZ A 1 -7.47 -13.40 -7.05
H2'1 DCZ A 1 -8.72 -13.30 -4.25
H2'2 DCZ A 1 -7.25 -14.21 -4.74
H3' DCZ A 1 -9.71 -15.34 -4.89
H4' DCZ A 1 -10.04 -14.47 -7.57
H5'1 DCZ A 1 -12.02 -13.26 -6.80
H5'2 DCZ A 1 -11.91 -14.83 -6.02
HO51 DCZ A 1 -11.12 -12.33 -4.85
N1 DCZ B 1 7.00 -2.04 16.01
C2 DCZ B 1 5.98 -1.23 16.58
N3 DCZ B 1 5.88 0.08 16.27
C4 DCZ B 1 6.73 0.59 15.39
C5 DCZ B 1 7.75 -0.17 14.76
C6 DCZ B 1 7.85 -1.48 15.09
O2 DCZ B 1 5.17 -1.67 17.38
N4 DCZ B 1 6.63 1.86 15.16
C1' DCZ B 1 7.19 -3.44 16.47
C2' DCZ B 1 7.03 -4.47 15.36
C3' DCZ B 1 7.91 -5.62 15.84
C4' DCZ B 1 9.05 -4.85 16.53
O4' DCZ B 1 8.53 -3.59 16.94
O3' DCZ B 1 7.24 -6.46 16.77
C5' DCZ B 1 10.33 -4.70 15.67
O5' DCZ B 1 10.11 -4.14 14.37
H5 DCZ B 1 8.44 0.26 14.05
H6 DCZ B 1 8.64 -2.10 14.66
HN41 DCZ B 1 5.89 2.37 15.61
HN42 DCZ B 1 7.22 2.28 14.47
H1' DCZ B 1 6.50 -3.69 17.28
H2'1 DCZ B 1 7.40 -4.09 14.40
H2'2 DCZ B 1 5.99 -4.78 15.26
H3' DCZ B 1 8.30 -6.19 14.99
H4' DCZ B 1 9.35 -5.41 17.43
H5'1 DCZ B 1 11.02 -4.06 16.21
H5'2 DCZ B 1 10.79 -5.68 15.56
HO51 DCZ B 1 9.82 -4.83 13.74
O81 9TK C . 5.44 2.19 -4.97
C81 9TK C . 4.59 1.48 -4.47
C83 9TK C . 5.47 -2.05 -4.85
N81 9TK C . 5.73 -0.71 -5.02
C88 9TK C . 6.95 -0.17 -5.64
C82 9TK C . 4.63 -0.03 -4.48
N82 9TK C . 3.73 -0.88 -4.00
C84 9TK C . 4.25 -2.13 -4.22
H84 9TK C . 6.14 -2.84 -5.17
H883 9TK C . 7.57 -1.00 -6.03
H882 9TK C . 7.53 0.39 -4.90
H881 9TK C . 6.68 0.49 -6.47
H83 9TK C . 3.73 -3.02 -3.95
N PYB D . 3.48 2.01 -3.81
CA PYB D . 3.14 3.36 -3.68
CB1 PYB D . 2.07 3.87 -2.89
CB PYB D . 3.78 4.41 -4.28
CG1 PYB D . 2.09 5.24 -3.03
NG2 PYB D . 3.16 5.57 -3.85
CD PYB D . 3.68 6.90 -4.20
C PYB D . 1.15 6.29 -2.51
O PYB D . 1.24 7.45 -2.87
H PYB D . 2.89 1.32 -3.36
HB1 PYB D . 1.37 3.27 -2.32
HB PYB D . 4.63 4.42 -4.95
HD1 PYB D . 2.97 7.43 -4.84
HD2 PYB D . 3.84 7.48 -3.28
HD3 PYB D . 4.64 6.81 -4.72
N PYB E . 0.18 5.90 -1.59
CA PYB E . -0.82 6.72 -1.07
CB1 PYB E . -1.59 6.49 0.10
CB PYB E . -1.22 7.92 -1.61
CG1 PYB E . -2.43 7.57 0.29
NG2 PYB E . -2.18 8.46 -0.78
CD PYB E . -2.78 9.78 -1.01
C PYB E . -3.45 7.87 1.32
O PYB E . -4.19 8.85 1.26
H PYB E . 0.30 4.97 -1.21
HB1 PYB E . -1.52 5.61 0.72
HB PYB E . -0.88 8.44 -2.50
HD1 PYB E . -3.87 9.67 -1.17
HD2 PYB E . -2.35 10.24 -1.91
HD3 PYB E . -2.59 10.44 -0.15
N PYB F . -3.54 7.00 2.39
CA PYB F . -4.44 7.06 3.45
CB1 PYB F . -4.38 6.23 4.60
CB PYB F . -5.52 7.90 3.58
CG1 PYB F . -5.42 6.59 5.43
NG2 PYB F . -6.12 7.62 4.81
CD PYB F . -7.30 8.34 5.31
C PYB F . -5.82 6.02 6.75
O PYB F . -6.75 6.41 7.44
H PYB F . -2.80 6.29 2.42
HB1 PYB F . -3.64 5.48 4.79
HB PYB F . -5.91 8.67 2.92
HD1 PYB F . -7.60 9.12 4.61
HD2 PYB F . -7.08 8.81 6.29
HD3 PYB F . -8.14 7.64 5.44
N ABU G . -5.03 4.97 7.15
CD ABU G . -5.11 4.33 8.48
CB ABU G . -6.15 3.19 8.59
CG ABU G . -6.26 2.25 7.37
C ABU G . -7.17 2.82 6.27
O ABU G . -8.34 3.07 6.49
H ABU G . -4.22 4.78 6.58
HA1 ABU G . -4.13 3.93 8.73
HA2 ABU G . -5.37 5.08 9.22
HB1 ABU G . -7.14 3.63 8.80
HB2 ABU G . -5.90 2.60 9.48
HG1 ABU G . -6.70 1.30 7.69
HG2 ABU G . -5.27 2.01 6.97
N IMT H . -6.56 3.07 5.07
CA IMT H . -6.96 3.89 4.06
NB1 IMT H . -6.26 4.11 2.91
CB IMT H . -8.08 4.68 4.11
CG1 IMT H . -6.94 5.06 2.26
NG2 IMT H . -8.08 5.43 2.95
CD IMT H . -9.12 6.41 2.59
C IMT H . -6.58 5.73 0.95
O IMT H . -7.22 6.65 0.47
H IMT H . -5.65 2.63 4.94
HB IMT H . -8.84 4.78 4.87
HD1 IMT H . -9.55 6.16 1.62
HD2 IMT H . -9.92 6.40 3.35
HD3 IMT H . -8.69 7.41 2.56
N PYB I . -5.47 5.20 0.29
CA PYB I . -4.89 5.66 -0.90
CB1 PYB I . -3.89 5.00 -1.65
CB PYB I . -5.21 6.84 -1.53
CG1 PYB I . -3.63 5.77 -2.77
NG2 PYB I . -4.48 6.89 -2.70
CD PYB I . -4.64 7.98 -3.67
C PYB I . -2.65 5.62 -3.89
O PYB I . -2.54 6.49 -4.75
H PYB I . -5.09 4.35 0.71
HB1 PYB I . -3.41 4.07 -1.38
HB PYB I . -5.91 7.62 -1.26
HD1 PYB I . -4.90 7.57 -4.65
HD2 PYB I . -5.44 8.66 -3.35
HD3 PYB I . -3.71 8.55 -3.75
N PYB J . -1.85 4.47 -3.95
CA PYB J . -0.79 4.28 -4.84
CB1 PYB J . -0.14 3.05 -5.18
CB PYB J . -0.18 5.28 -5.54
CG1 PYB J . 0.80 3.32 -6.16
NG2 PYB J . 0.81 4.71 -6.35
CD PYB J . 1.69 5.53 -7.19
C PYB J . 1.73 2.45 -6.95
O PYB J . 2.44 2.90 -7.83
H PYB J . -2.15 3.72 -3.34
HB1 PYB J . -0.38 2.07 -4.76
HB PYB J . -0.34 6.35 -5.54
HD1 PYB J . 1.54 6.60 -6.97
HD2 PYB J . 2.74 5.28 -6.97
HD3 PYB J . 1.48 5.34 -8.24
N PYB K . 1.75 1.09 -6.66
CA PYB K . 2.65 0.16 -7.19
CB1 PYB K . 2.62 -1.23 -6.93
CB PYB K . 3.72 0.40 -8.01
CG1 PYB K . 3.67 -1.82 -7.59
NG2 PYB K . 4.36 -0.81 -8.25
CD PYB K . 5.60 -0.93 -9.04
C PYB K . 4.11 -3.25 -7.60
O PYB K . 5.14 -3.66 -8.11
H PYB K . 1.06 0.79 -5.99
HB1 PYB K . 1.90 -1.73 -6.29
HB PYB K . 4.10 1.32 -8.42
HD1 PYB K . 5.49 -1.73 -9.79
HD2 PYB K . 5.81 0.01 -9.55
HD3 PYB K . 6.44 -1.18 -8.38
C01 9T8 L . 10.07 -7.65 -2.77
N02 9T8 L . 5.58 -7.76 -6.04
C03 9T8 L . 8.45 -8.14 -4.60
C05 9T8 L . 6.80 -8.42 -6.53
C06 9T8 L . 5.51 -6.45 -5.61
C07 9T8 L . 4.09 -5.91 -5.46
C04 9T8 L . 7.60 -9.13 -5.42
N01 9T8 L . 9.29 -8.75 -3.48
C02 9T8 L . 10.27 -9.81 -4.00
N03 9T8 L . 3.24 -4.09 -6.96
C08 9T8 L . 3.45 -5.54 -6.82
O01 9T8 L . 6.50 -5.79 -5.40
H006 9T8 L . 10.65 -8.08 -1.96
H004 9T8 L . 9.38 -6.91 -2.38
H005 9T8 L . 10.75 -7.17 -3.48
HN02 9T8 L . 4.69 -8.21 -6.23
H031 9T8 L . 9.14 -7.62 -5.27
H032 9T8 L . 7.80 -7.39 -4.15
H052 9T8 L . 6.50 -9.17 -7.28
H051 9T8 L . 7.44 -7.69 -7.05
H072 9T8 L . 4.13 -5.04 -4.79
H071 9T8 L . 3.48 -6.67 -4.96
H042 9T8 L . 6.92 -9.69 -4.76
H041 9T8 L . 8.25 -9.86 -5.89
HN01 9T8 L . 8.67 -9.22 -2.75
H001 9T8 L . 10.91 -9.36 -4.77
H002 9T8 L . 9.71 -10.64 -4.43
H003 9T8 L . 10.88 -10.17 -3.17
H1 9T8 L . 2.35 -3.68 -6.67
H081 9T8 L . 2.48 -6.04 -6.89
H082 9T8 L . 4.06 -5.91 -7.65
N1 DCZ A 1 -9.49 -12.56 -5.95
C2 DCZ A 1 -10.05 -12.20 -7.18
N3 DCZ A 1 -10.15 -10.89 -7.56
C4 DCZ A 1 -9.70 -9.97 -6.73
C5 DCZ A 1 -9.11 -10.26 -5.47
C6 DCZ A 1 -9.02 -11.57 -5.10
O2 DCZ A 1 -10.46 -13.04 -7.99
N4 DCZ A 1 -9.85 -8.74 -7.12
C1' DCZ A 1 -9.51 -14.01 -5.57
C2' DCZ A 1 -8.52 -14.48 -4.50
C3' DCZ A 1 -9.11 -15.85 -4.15
C4' DCZ A 1 -10.62 -15.61 -4.35
O4' DCZ A 1 -10.76 -14.35 -5.00
O3' DCZ A 1 -8.62 -16.84 -5.06
C5' DCZ A 1 -11.42 -15.61 -3.03
O5' DCZ A 1 -10.99 -14.61 -2.12
H5 DCZ A 1 -8.75 -9.49 -4.80
H6 DCZ A 1 -8.59 -11.82 -4.14
HN41 DCZ A 1 -10.28 -8.59 -8.01
HN42 DCZ A 1 -9.55 -7.98 -6.52
H1' DCZ A 1 -9.36 -14.61 -6.47
H2'1 DCZ A 1 -8.55 -13.86 -3.61
H2'2 DCZ A 1 -7.51 -14.57 -4.90
H3' DCZ A 1 -8.89 -16.11 -3.12
H4' DCZ A 1 -11.02 -16.39 -5.01
H5'1 DCZ A 1 -12.48 -15.46 -3.27
H5'2 DCZ A 1 -11.31 -16.59 -2.58
HO51 DCZ A 1 -11.08 -13.73 -2.54
N1 DCZ B 1 7.77 0.92 15.58
C2 DCZ B 1 7.13 1.75 16.50
N3 DCZ B 1 6.83 3.02 16.19
C4 DCZ B 1 7.11 3.46 14.98
C5 DCZ B 1 7.70 2.65 13.97
C6 DCZ B 1 8.02 1.37 14.31
O2 DCZ B 1 6.81 1.35 17.63
N4 DCZ B 1 6.82 4.70 14.74
C1' DCZ B 1 8.14 -0.48 15.98
C2' DCZ B 1 7.14 -1.49 15.41
C3' DCZ B 1 7.97 -2.76 15.36
C4' DCZ B 1 9.33 -2.19 14.95
O4' DCZ B 1 9.41 -0.86 15.47
O3' DCZ B 1 7.98 -3.38 16.65
C5' DCZ B 1 9.51 -2.14 13.42
O5' DCZ B 1 9.47 -3.44 12.84
H5 DCZ B 1 7.90 3.01 12.98
H6 DCZ B 1 8.47 0.71 13.58
HN41 DCZ B 1 6.36 5.24 15.46
HN42 DCZ B 1 6.94 5.06 13.81
H1' DCZ B 1 8.14 -0.58 17.07
H2'1 DCZ B 1 6.84 -1.20 14.41
H2'2 DCZ B 1 6.27 -1.59 16.07
H3' DCZ B 1 7.58 -3.43 14.61
H4' DCZ B 1 10.14 -2.80 15.37
H5'1 DCZ B 1 8.71 -1.52 12.99
H5'2 DCZ B 1 10.47 -1.67 13.19
HO51 DCZ B 1 9.61 -3.38 11.87
O81 9TK C . 5.30 2.68 -4.77
C81 9TK C . 4.45 1.97 -4.24
C83 9TK C . 5.30 -1.55 -4.68
N81 9TK C . 5.55 -0.21 -4.87
C88 9TK C . 6.70 0.32 -5.60
C82 9TK C . 4.49 0.47 -4.28
N82 9TK C . 3.59 -0.38 -3.75
C84 9TK C . 4.10 -1.63 -4.00
H84 9TK C . 5.94 -2.34 -5.03
H883 9TK C . 6.37 0.98 -6.41
H882 9TK C . 7.28 -0.51 -6.04
H881 9TK C . 7.36 0.87 -4.92
H83 9TK C . 3.60 -2.53 -3.69
N PYB D . 3.38 2.52 -3.53
CA PYB D . 3.08 3.87 -3.36
CB1 PYB D . 2.04 4.38 -2.55
CB PYB D . 3.74 4.92 -3.96
CG1 PYB D . 2.07 5.76 -2.67
NG2 PYB D . 3.15 6.09 -3.49
CD PYB D . 3.70 7.41 -3.80
C PYB D . 1.16 6.81 -2.14
O PYB D . 1.25 7.98 -2.52
H PYB D . 2.80 1.83 -3.06
HB1 PYB D . 1.32 3.80 -1.99
HB PYB D . 4.57 4.94 -4.64
HD1 PYB D . 4.68 7.31 -4.28
HD2 PYB D . 3.03 7.96 -4.46
HD3 PYB D . 3.83 7.98 -2.87
N PYB E . 0.19 6.43 -1.22
CA PYB E . -0.83 7.26 -0.74
CB1 PYB E . -1.56 7.12 0.47
CB PYB E . -1.26 8.40 -1.37
CG1 PYB E . -2.38 8.21 0.59
NG2 PYB E . -2.20 9.00 -0.55
CD PYB E . -2.82 10.29 -0.90
C PYB E . -3.35 8.62 1.65
O PYB E . -4.02 9.63 1.53
H PYB E . 0.32 5.51 -0.81
HB1 PYB E . -1.44 6.30 1.17
HB PYB E . -0.97 8.84 -2.32
HD1 PYB E . -3.90 10.18 -0.96
HD2 PYB E . -2.44 10.65 -1.86
HD3 PYB E . -2.56 11.04 -0.12
N PYB F . -3.48 7.82 2.78
CA PYB F . -4.39 8.01 3.82
CB1 PYB F . -4.45 7.25 5.01
CB PYB F . -5.37 8.97 3.87
CG1 PYB F . -5.46 7.77 5.79
NG2 PYB F . -6.01 8.85 5.09
CD PYB F . -7.12 9.74 5.50
C PYB F . -6.00 7.35 7.12
O PYB F . -6.91 7.93 7.71
H PYB F . -2.80 7.06 2.84
HB1 PYB F . -3.83 6.40 5.25
HB PYB F . -5.67 9.73 3.16
HD1 PYB F . -7.31 10.49 4.71
HD2 PYB F . -6.84 10.27 6.43
HD3 PYB F . -8.03 9.16 5.67
N ABU G . -5.45 6.21 7.64
CD ABU G . -6.06 5.55 8.81
CB ABU G . -5.61 4.10 9.05
CG ABU G . -5.84 3.12 7.86
C ABU G . -6.85 3.61 6.80
O ABU G . -8.02 3.81 7.06
H ABU G . -4.68 5.80 7.15
HA1 ABU G . -5.83 6.15 9.71
HA2 ABU G . -7.15 5.58 8.71
HB1 ABU G . -6.18 3.72 9.92
HB2 ABU G . -4.56 4.08 9.35
HG1 ABU G . -6.18 2.16 8.25
HG2 ABU G . -4.87 2.92 7.37
N IMT H . -6.28 3.87 5.57
CA IMT H . -6.73 4.69 4.58
NB1 IMT H . -6.05 4.88 3.40
CB IMT H . -7.82 5.51 4.67
CG1 IMT H . -6.74 5.83 2.76
NG2 IMT H . -7.84 6.25 3.50
CD IMT H . -8.86 7.25 3.16
C IMT H . -6.42 6.44 1.42
O IMT H . -7.07 7.38 0.94
H IMT H . -5.38 3.43 5.41
HB IMT H . -8.54 5.64 5.46
HD1 IMT H . -8.39 8.23 3.05
HD2 IMT H . -9.36 6.98 2.22
HD3 IMT H . -9.61 7.30 3.97
N PYB I . -5.35 5.88 0.73
CA PYB I . -4.84 6.27 -0.52
CB1 PYB I . -3.89 5.55 -1.28
CB PYB I . -5.20 7.40 -1.20
CG1 PYB I . -3.68 6.25 -2.45
NG2 PYB I . -4.51 7.38 -2.40
CD PYB I . -4.74 8.41 -3.44
C PYB I . -2.75 6.04 -3.59
O PYB I . -2.67 6.86 -4.50
H PYB I . -4.97 5.05 1.16
HB1 PYB I . -3.40 4.63 -0.98
HB PYB I . -5.88 8.20 -0.93
HD1 PYB I . -5.56 9.08 -3.14
HD2 PYB I . -3.83 9.00 -3.58
HD3 PYB I . -5.01 7.92 -4.38
N PYB J . -1.95 4.89 -3.60
CA PYB J . -0.87 4.72 -4.48
CB1 PYB J . -0.27 3.48 -4.88
CB PYB J . -0.20 5.73 -5.11
CG1 PYB J . 0.71 3.77 -5.81
NG2 PYB J . 0.76 5.17 -5.93
CD PYB J . 1.65 6.01 -6.74
C PYB J . 1.65 2.92 -6.61
O PYB J . 2.39 3.39 -7.45
H PYB J . -2.24 4.16 -2.98
HB1 PYB J . -0.57 2.50 -4.54
HB PYB J . -0.33 6.80 -5.04
HD1 PYB J . 1.50 7.07 -6.51
HD2 PYB J . 2.71 5.75 -6.52
HD3 PYB J . 1.45 5.84 -7.80
N PYB K . 1.63 1.56 -6.36
CA PYB K . 2.48 0.60 -6.94
CB1 PYB K . 2.43 -0.79 -6.67
CB PYB K . 3.52 0.82 -7.82
CG1 PYB K . 3.44 -1.40 -7.40
NG2 PYB K . 4.10 -0.40 -8.12
CD PYB K . 5.21 -0.56 -9.06
C PYB K . 3.88 -2.82 -7.41
O PYB K . 4.88 -3.24 -7.97
H PYB K . 0.93 1.25 -5.70
HB1 PYB K . 1.75 -1.27 -5.99
HB PYB K . 3.88 1.75 -8.26
HD1 PYB K . 4.99 -1.36 -9.78
HD2 PYB K . 5.37 0.38 -9.62
HD3 PYB K . 6.13 -0.81 -8.51
C01 9T8 L . 10.25 -11.18 -4.50
N02 9T8 L . 5.68 -6.93 -5.41
C03 9T8 L . 8.62 -9.40 -5.12
C05 9T8 L . 7.08 -7.38 -5.40
C06 9T8 L . 5.27 -5.66 -5.05
C07 9T8 L . 3.77 -5.44 -5.11
C04 9T8 L . 7.16 -8.90 -5.16
N01 9T8 L . 8.76 -10.85 -4.65
C02 9T8 L . 8.12 -11.81 -5.65
N03 9T8 L . 3.05 -3.66 -6.71
C08 9T8 L . 3.26 -5.09 -6.53
O01 9T8 L . 6.06 -4.82 -4.67
H006 9T8 L . 10.35 -12.22 -4.16
H004 9T8 L . 10.70 -10.51 -3.77
H005 9T8 L . 10.74 -11.07 -5.46
HN02 9T8 L . 4.97 -7.55 -5.76
H031 9T8 L . 9.06 -9.32 -6.11
H032 9T8 L . 9.19 -8.77 -4.44
H052 9T8 L . 7.54 -7.14 -6.37
H051 9T8 L . 7.64 -6.84 -4.62
H072 9T8 L . 3.49 -4.66 -4.38
H071 9T8 L . 3.29 -6.35 -4.75
H042 9T8 L . 6.69 -9.12 -4.19
H041 9T8 L . 6.59 -9.43 -5.93
HN01 9T8 L . 8.29 -10.95 -3.72
H001 9T8 L . 8.27 -12.84 -5.31
H002 9T8 L . 8.60 -11.69 -6.63
H003 9T8 L . 7.06 -11.61 -5.74
H1 9T8 L . 2.19 -3.23 -6.38
H081 9T8 L . 2.30 -5.60 -6.69
H082 9T8 L . 3.96 -5.48 -7.27
N1 DCZ A 1 -10.03 -12.91 -4.81
C2 DCZ A 1 -11.32 -12.44 -5.13
N3 DCZ A 1 -11.58 -11.10 -5.17
C4 DCZ A 1 -10.60 -10.27 -4.95
C5 DCZ A 1 -9.26 -10.67 -4.70
C6 DCZ A 1 -9.01 -12.00 -4.64
O2 DCZ A 1 -12.25 -13.19 -5.42
N4 DCZ A 1 -10.91 -9.00 -4.97
C1' DCZ A 1 -9.85 -14.39 -4.57
C2' DCZ A 1 -8.45 -14.84 -4.15
C3' DCZ A 1 -8.73 -16.25 -3.63
C4' DCZ A 1 -10.14 -16.08 -3.03
O4' DCZ A 1 -10.63 -14.81 -3.47
O3' DCZ A 1 -8.70 -17.16 -4.72
C5' DCZ A 1 -10.19 -16.18 -1.50
O5' DCZ A 1 -9.34 -15.24 -0.82
H5 DCZ A 1 -8.45 -9.96 -4.56
H6 DCZ A 1 -8.01 -12.34 -4.44
HN41 DCZ A 1 -11.87 -8.75 -5.12
HN42 DCZ A 1 -10.19 -8.30 -4.81
H1' DCZ A 1 -10.16 -14.93 -5.48
H2'1 DCZ A 1 -8.07 -14.23 -3.33
H2'2 DCZ A 1 -7.76 -14.85 -4.99
H3' DCZ A 1 -8.01 -16.52 -2.85
H4' DCZ A 1 -10.78 -16.87 -3.45
H5'1 DCZ A 1 -11.22 -16.02 -1.18
H5'2 DCZ A 1 -9.91 -17.19 -1.20
HO51 DCZ A 1 -8.42 -15.56 -0.81
N1 DCZ B 1 8.08 0.58 15.53
C2 DCZ B 1 7.25 1.66 15.84
N3 DCZ B 1 6.90 2.57 14.90
C4 DCZ B 1 7.38 2.40 13.67
C5 DCZ B 1 8.24 1.34 13.30
C6 DCZ B 1 8.57 0.44 14.26
O2 DCZ B 1 6.80 1.83 16.97
N4 DCZ B 1 6.94 3.24 12.78
C1' DCZ B 1 8.32 -0.46 16.57
C2' DCZ B 1 7.44 -1.69 16.30
C3' DCZ B 1 8.35 -2.88 16.57
C4' DCZ B 1 9.76 -2.29 16.67
O4' DCZ B 1 9.67 -0.88 16.54
O3' DCZ B 1 7.98 -3.55 17.76
C5' DCZ B 1 10.69 -2.86 15.58
O5' DCZ B 1 12.00 -2.30 15.67
H5 DCZ B 1 8.60 1.21 12.29
H6 DCZ B 1 9.21 -0.41 14.02
HN41 DCZ B 1 6.15 3.79 13.06
HN42 DCZ B 1 7.16 3.07 11.82
H1' DCZ B 1 8.08 -0.07 17.56
H2'1 DCZ B 1 7.09 -1.72 15.27
H2'2 DCZ B 1 6.58 -1.70 16.97
H3' DCZ B 1 8.29 -3.56 15.71
H4' DCZ B 1 10.17 -2.54 17.65
H5'1 DCZ B 1 10.74 -3.94 15.70
H5'2 DCZ B 1 10.26 -2.64 14.60
HO51 DCZ B 1 11.93 -1.33 15.73
O81 9TK C . 5.36 2.25 -4.87
C81 9TK C . 4.48 1.56 -4.36
C83 9TK C . 5.24 -1.98 -4.75
N81 9TK C . 5.53 -0.66 -4.95
C88 9TK C . 6.75 -0.17 -5.62
C82 9TK C . 4.48 0.05 -4.38
N82 9TK C . 3.56 -0.76 -3.88
C84 9TK C . 4.03 -2.03 -4.12
H84 9TK C . 5.89 -2.79 -5.09
H883 9TK C . 7.40 0.33 -4.88
H882 9TK C . 6.49 0.52 -6.41
H881 9TK C . 7.29 -1.03 -6.05
H83 9TK C . 3.48 -2.90 -3.82
N PYB D . 3.39 2.11 -3.68
CA PYB D . 3.08 3.46 -3.56
CB1 PYB D . 2.04 3.99 -2.76
CB PYB D . 3.72 4.50 -4.19
CG1 PYB D . 2.06 5.36 -2.90
NG2 PYB D . 3.12 5.68 -3.77
CD PYB D . 3.62 7.00 -4.17
C PYB D . 1.15 6.42 -2.37
O PYB D . 1.24 7.59 -2.75
H PYB D . 2.81 1.43 -3.21
HB1 PYB D . 1.34 3.41 -2.17
HB PYB D . 4.55 4.50 -4.88
HD1 PYB D . 4.52 6.89 -4.76
HD2 PYB D . 2.86 7.51 -4.77
HD3 PYB D . 3.85 7.59 -3.28
N PYB E . 0.21 6.04 -1.42
CA PYB E . -0.79 6.87 -0.92
CB1 PYB E . -1.51 6.70 0.30
CB PYB E . -1.23 8.02 -1.51
CG1 PYB E . -2.36 7.78 0.45
NG2 PYB E . -2.18 8.60 -0.69
CD PYB E . -2.83 9.87 -1.03
C PYB E . -3.33 8.17 1.51
O PYB E . -4.04 9.16 1.40
H PYB E . 0.33 5.12 -1.03
HB1 PYB E . -1.41 5.87 0.98
HB PYB E . -0.95 8.48 -2.45
HD1 PYB E . -3.92 9.75 -1.05
HD2 PYB E . -2.50 10.21 -2.01
HD3 PYB E . -2.57 10.63 -0.28
N PYB F . -3.41 7.37 2.65
CA PYB F . -4.28 7.55 3.73
CB1 PYB F . -4.31 6.79 4.94
CB PYB F . -5.26 8.52 3.83
CG1 PYB F . -5.28 7.32 5.75
NG2 PYB F . -5.82 8.42 5.09
CD PYB F . -6.78 9.41 5.61
C PYB F . -5.81 6.88 7.07
O PYB F . -6.73 7.43 7.67
H PYB F . -2.71 6.63 2.71
HB1 PYB F . -3.66 5.94 5.16
HB PYB F . -5.56 9.29 3.14
HD1 PYB F . -7.76 8.94 5.77
HD2 PYB F . -6.89 10.23 4.89
HD3 PYB F . -6.41 9.82 6.56
N ABU G . -5.24 5.75 7.60
CD ABU G . -5.81 5.10 8.79
CB ABU G . -5.35 3.64 9.02
CG ABU G . -5.59 2.67 7.83
C ABU G . -6.68 3.13 6.83
O ABU G . -7.84 3.28 7.15
H ABU G . -4.44 5.35 7.12
HA1 ABU G . -5.57 5.69 9.68
HA2 ABU G . -6.90 5.10 8.71
HB1 ABU G . -5.90 3.26 9.89
HB2 ABU G . -4.29 3.63 9.30
HG1 ABU G . -5.87 1.68 8.22
HG2 ABU G . -4.65 2.53 7.29
N IMT H . -6.18 3.41 5.59
CA IMT H . -6.68 4.22 4.62
NB1 IMT H . -6.04 4.46 3.43
CB IMT H . -7.81 4.99 4.74
CG1 IMT H . -6.78 5.37 2.81
NG2 IMT H . -7.90 5.73 3.57
CD IMT H . -8.99 6.65 3.26
C IMT H . -6.54 5.99 1.46
O IMT H . -7.22 6.89 0.99
H IMT H . -5.26 3.03 5.40
HB IMT H . -8.52 5.08 5.55
HD1 IMT H . -9.44 6.38 2.30
HD2 IMT H . -9.75 6.61 4.03
HD3 IMT H . -8.60 7.67 3.19
N PYB I . -5.46 5.45 0.75
CA PYB I . -4.97 5.85 -0.48
CB1 PYB I . -3.97 5.18 -1.24
CB PYB I . -5.36 6.97 -1.16
CG1 PYB I . -3.78 5.89 -2.41
NG2 PYB I . -4.67 6.98 -2.36
CD PYB I . -4.92 8.01 -3.39
C PYB I . -2.83 5.72 -3.55
O PYB I . -2.77 6.57 -4.44
H PYB I . -5.05 4.63 1.20
HB1 PYB I . -3.46 4.27 -0.94
HB PYB I . -6.08 7.74 -0.91
HD1 PYB I . -4.01 8.59 -3.57
HD2 PYB I . -5.25 7.52 -4.32
HD3 PYB I . -5.72 8.70 -3.05
N PYB J . -2.01 4.60 -3.59
CA PYB J . -0.97 4.41 -4.50
CB1 PYB J . -0.32 3.19 -4.87
CB PYB J . -0.38 5.42 -5.22
CG1 PYB J . 0.59 3.47 -5.85
NG2 PYB J . 0.58 4.85 -6.05
CD PYB J . 1.39 5.68 -6.96
C PYB J . 1.54 2.61 -6.64
O PYB J . 2.29 3.08 -7.48
H PYB J . -2.28 3.85 -2.95
HB1 PYB J . -0.56 2.21 -4.45
HB PYB J . -0.55 6.48 -5.22
HD1 PYB J . 1.17 6.74 -6.81
HD2 PYB J . 2.45 5.51 -6.75
HD3 PYB J . 1.17 5.41 -8.00
N PYB K . 1.54 1.25 -6.40
CA PYB K . 2.42 0.31 -6.97
CB1 PYB K . 2.36 -1.09 -6.76
CB PYB K . 3.50 0.56 -7.79
CG1 PYB K . 3.38 -1.67 -7.47
NG2 PYB K . 4.09 -0.66 -8.10
CD PYB K . 5.26 -0.78 -8.98
C PYB K . 3.81 -3.10 -7.52
O PYB K . 4.82 -3.52 -8.07
H PYB K . 0.82 0.92 -5.76
HB1 PYB K . 1.64 -1.59 -6.13
HB PYB K . 3.90 1.50 -8.16
HD1 PYB K . 5.00 -1.38 -9.87
HD2 PYB K . 5.60 0.22 -9.31
HD3 PYB K . 6.08 -1.27 -8.44
C01 9T8 L . 11.41 -8.97 -4.47
N02 9T8 L . 5.44 -7.38 -5.74
C03 9T8 L . 9.06 -8.62 -5.22
C05 9T8 L . 6.80 -7.82 -6.10
C06 9T8 L . 5.17 -6.11 -5.28
C07 9T8 L . 3.69 -5.73 -5.28
C04 9T8 L . 7.60 -8.28 -4.85
N01 9T8 L . 9.94 -8.92 -4.02
C02 9T8 L . 9.57 -10.26 -3.39
N03 9T8 L . 2.96 -3.94 -6.87
C08 9T8 L . 3.18 -5.38 -6.70
O01 9T8 L . 6.05 -5.33 -4.93
H006 9T8 L . 12.05 -9.19 -3.61
H004 9T8 L . 11.69 -8.01 -4.91
H005 9T8 L . 11.53 -9.76 -5.22
HN02 9T8 L . 4.67 -7.94 -6.05
H031 9T8 L . 9.09 -9.48 -5.90
H032 9T8 L . 9.50 -7.76 -5.75
H052 9T8 L . 6.73 -8.65 -6.81
H051 9T8 L . 7.33 -7.00 -6.59
H072 9T8 L . 3.54 -4.90 -4.59
H071 9T8 L . 3.13 -6.57 -4.87
H042 9T8 L . 7.60 -7.48 -4.11
H041 9T8 L . 7.11 -9.16 -4.41
HN01 9T8 L . 9.84 -8.15 -3.31
H001 9T8 L . 8.53 -10.22 -3.04
H002 9T8 L . 10.22 -10.45 -2.53
H003 9T8 L . 9.69 -11.05 -4.12
H1 9T8 L . 2.09 -3.54 -6.54
H081 9T8 L . 2.22 -5.90 -6.85
H082 9T8 L . 3.86 -5.76 -7.46
N1 DCZ A 1 -8.94 -11.93 -7.48
C2 DCZ A 1 -9.61 -11.55 -8.66
N3 DCZ A 1 -9.55 -10.28 -9.12
C4 DCZ A 1 -8.84 -9.40 -8.44
C5 DCZ A 1 -8.15 -9.71 -7.25
C6 DCZ A 1 -8.23 -10.98 -6.79
O2 DCZ A 1 -10.27 -12.36 -9.32
N4 DCZ A 1 -8.81 -8.20 -8.94
C1' DCZ A 1 -9.04 -13.36 -7.05
C2' DCZ A 1 -7.99 -13.87 -6.06
C3' DCZ A 1 -8.60 -15.22 -5.66
C4' DCZ A 1 -10.11 -14.90 -5.72
O4' DCZ A 1 -10.25 -13.62 -6.36
O3' DCZ A 1 -8.23 -16.21 -6.61
C5' DCZ A 1 -10.80 -14.89 -4.34
O5' DCZ A 1 -10.26 -13.91 -3.46
H5 DCZ A 1 -7.56 -8.97 -6.71
H6 DCZ A 1 -7.72 -11.25 -5.87
HN41 DCZ A 1 -9.34 -8.02 -9.79
HN42 DCZ A 1 -8.28 -7.48 -8.47
H1' DCZ A 1 -9.00 -14.00 -7.94
H2'1 DCZ A 1 -7.93 -13.24 -5.17
H2'2 DCZ A 1 -7.01 -13.99 -6.53
H3' DCZ A 1 -8.31 -15.49 -4.64
H4' DCZ A 1 -10.60 -15.66 -6.34
H5'1 DCZ A 1 -11.87 -14.70 -4.48
H5'2 DCZ A 1 -10.68 -15.88 -3.90
HO51 DCZ A 1 -10.37 -13.03 -3.86
N1 DCZ B 1 6.96 -0.80 15.86
C2 DCZ B 1 6.01 0.04 16.47
N3 DCZ B 1 5.91 1.35 16.10
C4 DCZ B 1 6.69 1.79 15.12
C5 DCZ B 1 7.63 0.96 14.43
C6 DCZ B 1 7.73 -0.33 14.83
O2 DCZ B 1 5.25 -0.35 17.35
N4 DCZ B 1 6.60 3.05 14.83
C1' DCZ B 1 7.16 -2.19 16.39
C2' DCZ B 1 6.78 -3.26 15.36
C3' DCZ B 1 7.72 -4.42 15.71
C4' DCZ B 1 8.95 -3.68 16.23
O4' DCZ B 1 8.55 -2.38 16.66
O3' DCZ B 1 7.18 -5.27 16.72
C5' DCZ B 1 10.10 -3.61 15.21
O5' DCZ B 1 9.71 -3.09 13.93
H5 DCZ B 1 8.24 1.33 13.62
H6 DCZ B 1 8.44 -1.00 14.35
HN41 DCZ B 1 5.93 3.61 15.35
HN42 DCZ B 1 7.15 3.43 14.08
H1' DCZ B 1 6.59 -2.35 17.30
H2'1 DCZ B 1 6.97 -2.93 14.34
H2'2 DCZ B 1 5.73 -3.55 15.46
H3' DCZ B 1 7.97 -4.99 14.81
H4' DCZ B 1 9.34 -4.23 17.10
H5'1 DCZ B 1 10.90 -3.01 15.61
H5'2 DCZ B 1 10.48 -4.63 15.06
HO51 DCZ B 1 10.47 -3.14 13.30
O81 9TK C . 5.72 2.99 -4.56
C81 9TK C . 4.80 2.33 -4.11
C83 9TK C . 5.47 -1.24 -4.45
N81 9TK C . 5.82 0.08 -4.63
C88 9TK C . 7.07 0.53 -5.25
C82 9TK C . 4.76 0.83 -4.13
N82 9TK C . 3.77 0.04 -3.69
C84 9TK C . 4.22 -1.24 -3.88
H84 9TK C . 6.10 -2.07 -4.74
H883 9TK C . 7.62 -0.33 -5.67
H882 9TK C . 7.70 1.02 -4.50
H881 9TK C . 6.85 1.24 -6.06
H83 9TK C . 3.64 -2.10 -3.62
N PYB D . 3.69 2.92 -3.50
CA PYB D . 3.42 4.28 -3.39
CB1 PYB D . 2.36 4.84 -2.63
CB PYB D . 4.12 5.29 -3.99
CG1 PYB D . 2.43 6.21 -2.78
NG2 PYB D . 3.55 6.48 -3.57
CD PYB D . 4.15 7.79 -3.89
C PYB D . 1.54 7.30 -2.30
O PYB D . 1.68 8.45 -2.70
H PYB D . 3.05 2.26 -3.06
HB1 PYB D . 1.61 4.29 -2.08
HB PYB D . 4.98 5.27 -4.64
HD1 PYB D . 3.50 8.35 -4.58
HD2 PYB D . 4.29 8.37 -2.97
HD3 PYB D . 5.13 7.66 -4.36
N PYB E . 0.56 6.97 -1.38
CA PYB E . -0.41 7.85 -0.87
CB1 PYB E . -1.19 7.69 0.31
CB PYB E . -0.75 9.05 -1.44
CG1 PYB E . -1.94 8.83 0.48
NG2 PYB E . -1.67 9.67 -0.62
CD PYB E . -2.21 11.01 -0.92
C PYB E . -2.92 9.25 1.53
O PYB E . -3.51 10.32 1.45
H PYB E . 0.64 6.04 -0.97
HB1 PYB E . -1.15 6.84 0.97
HB PYB E . -0.41 9.52 -2.36
HD1 PYB E . -3.30 10.96 -1.00
HD2 PYB E . -1.81 11.37 -1.88
HD3 PYB E . -1.92 11.71 -0.12
N PYB F . -3.13 8.40 2.61
CA PYB F . -4.04 8.61 3.66
CB1 PYB F . -4.19 7.79 4.81
CB PYB F . -4.93 9.66 3.76
CG1 PYB F . -5.14 8.38 5.61
NG2 PYB F . -5.58 9.54 4.98
CD PYB F . -6.57 10.52 5.45
C PYB F . -5.74 7.93 6.91
O PYB F . -6.58 8.56 7.54
H PYB F . -2.52 7.59 2.64
HB1 PYB F . -3.64 6.89 5.01
HB PYB F . -5.13 10.49 3.11
HD1 PYB F . -6.24 10.95 6.41
HD2 PYB F . -7.55 10.03 5.59
HD3 PYB F . -6.69 11.32 4.71
N ABU G . -5.35 6.69 7.35
CD ABU G . -6.04 6.04 8.47
CB ABU G . -5.76 4.53 8.62
CG ABU G . -6.11 3.65 7.39
C ABU G . -7.03 4.32 6.35
O ABU G . -8.18 4.64 6.60
H ABU G . -4.62 6.22 6.83
HA1 ABU G . -5.77 6.55 9.41
HA2 ABU G . -7.12 6.18 8.35
HB1 ABU G . -6.34 4.17 9.47
HB2 ABU G . -4.71 4.37 8.89
HG1 ABU G . -6.58 2.72 7.72
HG2 ABU G . -5.18 3.35 6.89
N IMT H . -6.42 4.59 5.15
CA IMT H . -6.75 5.51 4.20
NB1 IMT H . -6.02 5.70 3.05
CB IMT H . -7.76 6.43 4.30
CG1 IMT H . -6.59 6.74 2.44
NG2 IMT H . -7.67 7.22 3.18
CD IMT H . -8.58 8.34 2.89
C IMT H . -6.18 7.39 1.14
O IMT H . -6.72 8.39 0.69
H IMT H . -5.56 4.07 4.98
HB IMT H . -8.49 6.58 5.09
HD1 IMT H . -9.04 8.20 1.91
HD2 IMT H . -9.38 8.39 3.64
HD3 IMT H . -8.03 9.28 2.91
N PYB I . -5.15 6.75 0.47
CA PYB I . -4.55 7.12 -0.74
CB1 PYB I . -3.59 6.37 -1.47
CB PYB I . -4.81 8.28 -1.42
CG1 PYB I . -3.28 7.07 -2.61
NG2 PYB I . -4.05 8.25 -2.58
CD PYB I . -4.16 9.31 -3.60
C PYB I . -2.30 6.82 -3.72
O PYB I . -2.17 7.63 -4.62
H PYB I . -4.86 5.87 0.89
HB1 PYB I . -3.18 5.42 -1.16
HB PYB I . -5.47 9.11 -1.20
HD1 PYB I . -4.88 10.07 -3.27
HD2 PYB I . -3.18 9.79 -3.74
HD3 PYB I . -4.50 8.89 -4.55
N PYB J . -1.55 5.64 -3.72
CA PYB J . -0.48 5.39 -4.57
CB1 PYB J . 0.12 4.14 -4.89
CB PYB J . 0.20 6.35 -5.28
CG1 PYB J . 1.11 4.36 -5.84
NG2 PYB J . 1.16 5.74 -6.05
CD PYB J . 2.09 6.52 -6.89
C PYB J . 2.03 3.45 -6.59
O PYB J . 2.81 3.88 -7.43
H PYB J . -1.88 4.92 -3.09
HB1 PYB J . -0.16 3.18 -4.46
HB PYB J . 0.07 7.43 -5.30
HD1 PYB J . 1.95 7.59 -6.71
HD2 PYB J . 3.13 6.27 -6.64
HD3 PYB J . 1.90 6.31 -7.95
N PYB K . 2.00 2.09 -6.33
CA PYB K . 2.88 1.13 -6.85
CB1 PYB K . 2.79 -0.27 -6.63
CB PYB K . 3.98 1.35 -7.64
CG1 PYB K . 3.85 -0.88 -7.30
NG2 PYB K . 4.58 0.12 -7.92
CD PYB K . 5.77 -0.03 -8.76
C PYB K . 4.27 -2.30 -7.31
O PYB K . 5.30 -2.73 -7.82
H PYB K . 1.26 1.79 -5.70
HB1 PYB K . 2.05 -0.77 -6.03
HB PYB K . 4.41 2.27 -8.02
HD1 PYB K . 6.01 0.92 -9.26
HD2 PYB K . 6.63 -0.32 -8.13
HD3 PYB K . 5.62 -0.80 -9.52
C01 9T8 L . 10.71 -9.63 -3.75
N02 9T8 L . 5.81 -6.55 -5.08
C03 9T8 L . 9.47 -7.82 -4.93
C05 9T8 L . 7.01 -7.22 -4.54
C06 9T8 L . 5.42 -5.28 -4.70
C07 9T8 L . 3.96 -4.95 -4.98
C04 9T8 L . 8.17 -7.26 -5.55
N01 9T8 L . 9.44 -9.30 -4.53
C02 9T8 L . 9.37 -10.19 -5.77
N03 9T8 L . 3.41 -3.15 -6.64
C08 9T8 L . 3.65 -4.59 -6.45
O01 9T8 L . 6.17 -4.51 -4.12
H006 9T8 L . 10.69 -10.68 -3.46
H004 9T8 L . 10.77 -9.00 -2.87
H005 9T8 L . 11.58 -9.45 -4.38
HN02 9T8 L . 5.16 -7.09 -5.61
H031 9T8 L . 10.29 -7.69 -5.64
H032 9T8 L . 9.72 -7.24 -4.04
H052 9T8 L . 7.35 -6.70 -3.63
H051 9T8 L . 6.73 -8.25 -4.25
H072 9T8 L . 3.63 -4.16 -4.30
H071 9T8 L . 3.36 -5.82 -4.68
H042 9T8 L . 7.88 -7.83 -6.43
H041 9T8 L . 8.37 -6.23 -5.89
HN01 9T8 L . 8.61 -9.48 -3.91
H001 9T8 L . 9.38 -11.24 -5.46
H002 9T8 L . 10.24 -9.99 -6.40
H003 9T8 L . 8.46 -9.99 -6.33
H1 9T8 L . 2.54 -2.73 -6.33
H081 9T8 L . 2.74 -5.12 -6.77
H082 9T8 L . 4.46 -4.94 -7.10
N1 DCZ A 1 -9.68 -12.22 -3.78
C2 DCZ A 1 -10.55 -11.70 -4.76
N3 DCZ A 1 -10.60 -10.37 -5.01
C4 DCZ A 1 -9.81 -9.57 -4.33
C5 DCZ A 1 -8.88 -10.02 -3.35
C6 DCZ A 1 -8.85 -11.35 -3.09
O2 DCZ A 1 -11.27 -12.43 -5.44
N4 DCZ A 1 -9.92 -8.29 -4.59
C1' DCZ A 1 -9.75 -13.69 -3.50
C2' DCZ A 1 -8.62 -14.29 -2.65
C3' DCZ A 1 -9.21 -15.65 -2.30
C4' DCZ A 1 -10.71 -15.33 -2.20
O4' DCZ A 1 -10.89 -14.01 -2.71
O3' DCZ A 1 -8.93 -16.58 -3.33
C5' DCZ A 1 -11.28 -15.40 -0.77
O5' DCZ A 1 -10.64 -14.51 0.14
H5 DCZ A 1 -8.23 -9.36 -2.81
H6 DCZ A 1 -8.17 -11.74 -2.34
HN41 DCZ A 1 -10.61 -8.02 -5.28
HN42 DCZ A 1 -9.34 -7.63 -4.10
H1' DCZ A 1 -9.80 -14.24 -4.45
H2'1 DCZ A 1 -8.45 -13.73 -1.73
H2'2 DCZ A 1 -7.70 -14.39 -3.23
H3' DCZ A 1 -8.83 -16.00 -1.34
H4' DCZ A 1 -11.26 -16.03 -2.82
H5'1 DCZ A 1 -12.35 -15.19 -0.80
H5'2 DCZ A 1 -11.14 -16.43 -0.40
HO51 DCZ A 1 -10.73 -13.60 -0.22
N1 DCZ B 1 7.63 -0.24 16.27
C2 DCZ B 1 6.64 0.53 16.90
N3 DCZ B 1 6.38 1.80 16.49
C4 DCZ B 1 7.07 2.28 15.48
C5 DCZ B 1 8.05 1.54 14.77
C6 DCZ B 1 8.30 0.29 15.19
O2 DCZ B 1 5.96 0.10 17.84
N4 DCZ B 1 6.83 3.53 15.17
C1' DCZ B 1 7.96 -1.60 16.78
C2' DCZ B 1 7.53 -2.69 15.80
C3' DCZ B 1 8.50 -3.82 16.12
C4' DCZ B 1 9.76 -3.06 16.53
O4' DCZ B 1 9.37 -1.75 16.93
O3' DCZ B 1 8.00 -4.63 17.18
C5' DCZ B 1 10.83 -3.00 15.41
O5' DCZ B 1 10.37 -2.49 14.17
H5 DCZ B 1 8.59 1.96 13.92
H6 DCZ B 1 9.05 -0.33 14.69
HN41 DCZ B 1 6.11 4.02 15.69
HN42 DCZ B 1 7.28 3.93 14.37
H1' DCZ B 1 7.47 -1.79 17.75
H2'1 DCZ B 1 7.66 -2.37 14.76
H2'2 DCZ B 1 6.50 -2.98 15.97
H3' DCZ B 1 8.68 -4.42 15.23
H4' DCZ B 1 10.21 -3.56 17.39
H5'1 DCZ B 1 11.65 -2.38 15.77
H5'2 DCZ B 1 11.23 -4.01 15.27
HO51 DCZ B 1 9.98 -3.21 13.63
O81 9TK C . 5.40 3.01 -4.97
C81 9TK C . 4.56 2.34 -4.37
C83 9TK C . 5.22 -1.24 -4.69
N81 9TK C . 5.55 0.07 -4.93
C88 9TK C . 6.77 0.49 -5.63
C82 9TK C . 4.53 0.83 -4.35
N82 9TK C . 3.60 0.05 -3.79
C84 9TK C . 4.03 -1.23 -4.01
H84 9TK C . 5.81 -2.07 -5.04
H883 9TK C . 7.18 1.41 -5.22
H882 9TK C . 6.55 0.62 -6.71
H881 9TK C . 7.53 -0.29 -5.53
H83 9TK C . 3.47 -2.08 -3.68
N PYB D . 3.53 2.93 -3.63
CA PYB D . 3.28 4.29 -3.48
CB1 PYB D . 2.26 4.85 -2.66
CB PYB D . 3.94 5.31 -4.10
CG1 PYB D . 2.31 6.22 -2.80
NG2 PYB D . 3.38 6.50 -3.66
CD PYB D . 3.96 7.81 -4.02
C PYB D . 1.42 7.31 -2.29
O PYB D . 1.54 8.45 -2.69
H PYB D . 2.93 2.27 -3.15
HB1 PYB D . 1.54 4.28 -2.07
HB PYB D . 4.77 5.29 -4.79
HD1 PYB D . 4.14 8.39 -3.11
HD2 PYB D . 4.91 7.67 -4.54
HD3 PYB D . 3.26 8.36 -4.67
N PYB E . 0.47 6.98 -1.32
CA PYB E . -0.50 7.85 -0.82
CB1 PYB E . -1.23 7.71 0.39
CB PYB E . -0.87 9.03 -1.41
CG1 PYB E . -2.01 8.83 0.55
NG2 PYB E . -1.79 9.65 -0.58
CD PYB E . -2.38 10.96 -0.90
C PYB E . -2.97 9.27 1.62
O PYB E . -3.58 10.33 1.55
H PYB E . 0.58 6.05 -0.92
HB1 PYB E . -1.16 6.86 1.07
HB PYB E . -0.56 9.49 -2.34
HD1 PYB E . -2.10 11.69 -0.14
HD2 PYB E . -3.47 10.87 -0.95
HD3 PYB E . -2.02 11.30 -1.87
N PYB F . -3.15 8.42 2.72
CA PYB F . -4.07 8.62 3.76
CB1 PYB F . -4.20 7.83 4.93
CB PYB F . -5.05 9.60 3.82
CG1 PYB F . -5.21 8.36 5.70
NG2 PYB F . -5.74 9.45 5.00
CD PYB F . -6.87 10.31 5.39
C PYB F . -5.78 7.91 7.00
O PYB F . -6.67 8.50 7.60
H PYB F . -2.52 7.64 2.76
HB1 PYB F . -3.58 6.98 5.17
HB PYB F . -5.31 10.38 3.11
HD1 PYB F . -6.60 10.88 6.29
HD2 PYB F . -7.74 9.69 5.60
HD3 PYB F . -7.10 11.00 4.58
N ABU G . -5.28 6.73 7.51
CD ABU G . -5.90 6.08 8.68
CB ABU G . -5.49 4.61 8.87
CG ABU G . -6.09 3.61 7.83
C ABU G . -6.99 4.23 6.76
O ABU G . -8.16 4.51 6.98
H ABU G . -4.52 6.30 7.02
HA1 ABU G . -5.62 6.65 9.57
HA2 ABU G . -6.99 6.15 8.61
HB1 ABU G . -5.82 4.29 9.87
HB2 ABU G . -4.40 4.53 8.88
HG1 ABU G . -6.67 2.86 8.36
HG2 ABU G . -5.27 3.07 7.34
N IMT H . -6.37 4.51 5.56
CA IMT H . -6.74 5.40 4.59
NB1 IMT H . -6.02 5.60 3.44
CB IMT H . -7.80 6.26 4.68
CG1 IMT H . -6.66 6.59 2.81
NG2 IMT H . -7.77 7.02 3.53
CD IMT H . -8.78 8.03 3.19
C IMT H . -6.30 7.23 1.49
O IMT H . -6.87 8.21 1.03
H IMT H . -5.49 4.04 5.43
HB IMT H . -8.53 6.39 5.45
HD1 IMT H . -8.31 9.02 3.09
HD2 IMT H . -9.26 7.77 2.24
HD3 IMT H . -9.54 8.09 3.97
N PYB I . -5.25 6.62 0.80
CA PYB I . -4.69 7.00 -0.43
CB1 PYB I . -3.73 6.27 -1.17
CB PYB I . -5.00 8.15 -1.12
CG1 PYB I . -3.46 6.97 -2.33
NG2 PYB I . -4.26 8.12 -2.29
CD PYB I . -4.43 9.17 -3.32
C PYB I . -2.52 6.73 -3.47
O PYB I . -2.43 7.54 -4.39
H PYB I . -4.91 5.76 1.23
HB1 PYB I . -3.28 5.33 -0.86
HB PYB I . -5.68 8.95 -0.88
HD1 PYB I . -5.17 9.91 -3.00
HD2 PYB I . -3.46 9.69 -3.47
HD3 PYB I . -4.76 8.73 -4.26
N PYB J . -1.73 5.59 -3.49
CA PYB J . -0.68 5.35 -4.40
CB1 PYB J . -0.07 4.11 -4.74
CB PYB J . -0.06 6.34 -5.13
CG1 PYB J . 0.83 4.35 -5.76
NG2 PYB J . 0.87 5.73 -5.95
CD PYB J . 1.76 6.54 -6.81
C PYB J . 1.70 3.45 -6.59
O PYB J . 2.43 3.90 -7.47
H PYB J . -2.01 4.85 -2.84
HB1 PYB J . -0.32 3.15 -4.31
HB PYB J . -0.21 7.41 -5.13
HD1 PYB J . 1.63 7.60 -6.60
HD2 PYB J . 2.81 6.26 -6.63
HD3 PYB J . 1.51 6.34 -7.87
N PYB K . 1.67 2.08 -6.35
CA PYB K . 2.47 1.12 -6.96
CB1 PYB K . 2.41 -0.27 -6.67
CB PYB K . 3.46 1.31 -7.90
CG1 PYB K . 3.37 -0.90 -7.43
NG2 PYB K . 4.00 0.06 -8.21
CD PYB K . 5.05 -0.14 -9.21
C PYB K . 3.79 -2.34 -7.43
O PYB K . 4.75 -2.78 -8.03
H PYB K . 0.98 1.80 -5.67
HB1 PYB K . 1.75 -0.72 -5.96
HB PYB K . 3.82 2.21 -8.38
HD1 PYB K . 4.74 -0.89 -9.94
HD2 PYB K . 5.26 0.80 -9.74
HD3 PYB K . 5.97 -0.49 -8.72
C01 9T8 L . 10.63 -9.29 -4.32
N02 9T8 L . 5.64 -6.28 -5.74
C03 9T8 L . 8.29 -9.02 -5.06
C05 9T8 L . 6.99 -6.85 -5.65
C06 9T8 L . 5.19 -5.19 -5.02
C07 9T8 L . 3.68 -4.96 -5.08
C04 9T8 L . 6.93 -8.28 -5.06
N01 9T8 L . 9.40 -8.38 -4.25
C02 9T8 L . 9.01 -8.24 -2.78
N03 9T8 L . 2.98 -3.13 -6.65
C08 9T8 L . 3.16 -4.58 -6.48
O01 9T8 L . 5.94 -4.51 -4.35
H006 9T8 L . 10.41 -10.26 -3.88
H004 9T8 L . 11.47 -8.83 -3.77
H005 9T8 L . 10.93 -9.42 -5.37
HN02 9T8 L . 4.94 -6.78 -6.29
H031 9T8 L . 8.12 -10.03 -4.66
H032 9T8 L . 8.63 -9.13 -6.09
H052 9T8 L . 7.43 -6.89 -6.66
H051 9T8 L . 7.63 -6.22 -5.02
H072 9T8 L . 3.39 -4.22 -4.33
H071 9T8 L . 3.20 -5.90 -4.77
H042 9T8 L . 6.53 -8.24 -4.04
H041 9T8 L . 6.23 -8.88 -5.66
HN01 9T8 L . 9.65 -7.45 -4.63
H001 9T8 L . 9.84 -7.88 -2.19
H002 9T8 L . 8.69 -9.22 -2.39
H003 9T8 L . 8.17 -7.54 -2.69
H1 9T8 L . 2.15 -2.69 -6.28
H081 9T8 L . 2.18 -5.05 -6.64
H082 9T8 L . 3.83 -4.97 -7.26
N1 DCZ A 1 -10.00 -12.04 -4.09
C2 DCZ A 1 -11.09 -11.75 -4.95
N3 DCZ A 1 -11.29 -10.49 -5.42
C4 DCZ A 1 -10.45 -9.56 -5.07
C5 DCZ A 1 -9.31 -9.78 -4.24
C6 DCZ A 1 -9.12 -11.03 -3.76
O2 DCZ A 1 -11.89 -12.62 -5.32
N4 DCZ A 1 -10.70 -8.37 -5.54
C1' DCZ A 1 -9.91 -13.43 -3.53
C2' DCZ A 1 -8.61 -13.84 -2.84
C3' DCZ A 1 -9.04 -15.12 -2.14
C4' DCZ A 1 -10.51 -14.81 -1.79
O4' DCZ A 1 -10.86 -13.62 -2.49
O3' DCZ A 1 -8.92 -16.23 -3.03
C5' DCZ A 1 -10.77 -14.67 -0.28
O5' DCZ A 1 -10.00 -13.61 0.31
H5 DCZ A 1 -8.60 -9.00 -3.98
H6 DCZ A 1 -8.26 -11.23 -3.11
HN41 DCZ A 1 -11.53 -8.24 -6.11
HN42 DCZ A 1 -10.09 -7.59 -5.31
H1' DCZ A 1 -10.12 -14.15 -4.33
H2'1 DCZ A 1 -8.31 -13.11 -2.09
H2'2 DCZ A 1 -7.81 -14.01 -3.55
H3' DCZ A 1 -8.45 -15.27 -1.23
H4' DCZ A 1 -11.12 -15.64 -2.17
H5'1 DCZ A 1 -11.83 -14.48 -0.13
H5'2 DCZ A 1 -10.51 -15.61 0.20
HO51 DCZ A 1 -10.24 -12.77 -0.13
N1 DCZ B 1 7.15 -0.63 15.80
C2 DCZ B 1 6.31 0.22 16.53
N3 DCZ B 1 6.10 1.50 16.14
C4 DCZ B 1 6.71 1.92 15.05
C5 DCZ B 1 7.55 1.12 14.24
C6 DCZ B 1 7.75 -0.17 14.64
O2 DCZ B 1 5.71 -0.16 17.54
N4 DCZ B 1 6.53 3.18 14.74
C1' DCZ B 1 7.40 -2.03 16.26
C2' DCZ B 1 6.70 -3.04 15.36
C3' DCZ B 1 7.59 -4.27 15.43
C4' DCZ B 1 8.98 -3.66 15.70
O4' DCZ B 1 8.79 -2.34 16.20
O3' DCZ B 1 7.20 -5.17 16.46
C5' DCZ B 1 9.91 -3.66 14.46
O5' DCZ B 1 9.34 -3.04 13.31
H5 DCZ B 1 8.02 1.47 13.34
H6 DCZ B 1 8.38 -0.83 14.07
HN41 DCZ B 1 5.90 3.73 15.31
HN42 DCZ B 1 6.93 3.55 13.89
H1' DCZ B 1 7.06 -2.16 17.30
H2'1 DCZ B 1 6.62 -2.68 14.33
H2'2 DCZ B 1 5.70 -3.26 15.75
H3' DCZ B 1 7.60 -4.78 14.45
H4' DCZ B 1 9.46 -4.26 16.47
H5'1 DCZ B 1 10.84 -3.16 14.74
H5'2 DCZ B 1 10.15 -4.70 14.23
HO51 DCZ B 1 8.85 -3.69 12.77
O81 9TK C . 5.59 2.95 -5.01
C81 9TK C . 4.75 2.26 -4.44
C83 9TK C . 5.61 -1.28 -4.70
N81 9TK C . 5.85 0.05 -4.97
C88 9TK C . 7.03 0.55 -5.69
C82 9TK C . 4.79 0.75 -4.40
N82 9TK C . 3.90 -0.07 -3.85
C84 9TK C . 4.41 -1.33 -4.03
H84 9TK C . 6.26 -2.08 -5.01
H883 9TK C . 7.63 -0.29 -6.05
H882 9TK C . 7.64 1.16 -5.02
H881 9TK C . 6.71 1.15 -6.54
H83 9TK C . 3.91 -2.21 -3.67
N PYB D . 3.68 2.83 -3.76
CA PYB D . 3.39 4.19 -3.62
CB1 PYB D . 2.36 4.73 -2.83
CB PYB D . 4.07 5.22 -4.23
CG1 PYB D . 2.40 6.10 -2.97
NG2 PYB D . 3.48 6.40 -3.80
CD PYB D . 4.02 7.72 -4.17
C PYB D . 1.50 7.18 -2.47
O PYB D . 1.62 8.34 -2.85
H PYB D . 3.10 2.16 -3.27
HB1 PYB D . 1.64 4.16 -2.25
HB PYB D . 4.91 5.22 -4.91
HD1 PYB D . 3.32 8.24 -4.81
HD2 PYB D . 4.18 8.31 -3.25
HD3 PYB D . 4.98 7.61 -4.68
N PYB E . 0.52 6.83 -1.56
CA PYB E . -0.49 7.68 -1.10
CB1 PYB E . -1.27 7.55 0.07
CB PYB E . -0.88 8.83 -1.75
CG1 PYB E . -2.07 8.66 0.18
NG2 PYB E . -1.81 9.47 -0.95
CD PYB E . -2.36 10.78 -1.28
C PYB E . -3.08 9.09 1.19
O PYB E . -3.74 10.11 1.05
H PYB E . 0.63 5.92 -1.12
HB1 PYB E . -1.21 6.73 0.78
HB PYB E . -0.56 9.26 -2.69
HD1 PYB E . -2.16 11.49 -0.47
HD2 PYB E . -3.44 10.70 -1.45
HD3 PYB E . -1.90 11.16 -2.20
N PYB F . -3.25 8.30 2.33
CA PYB F . -4.17 8.54 3.37
CB1 PYB F . -4.29 7.77 4.54
CB PYB F . -5.08 9.57 3.43
CG1 PYB F . -5.26 8.35 5.33
NG2 PYB F . -5.72 9.48 4.66
CD PYB F . -6.68 10.50 5.13
C PYB F . -5.85 7.93 6.63
O PYB F . -6.74 8.53 7.21
H PYB F . -2.61 7.52 2.40
HB1 PYB F . -3.71 6.88 4.77
HB PYB F . -5.30 10.37 2.74
HD1 PYB F . -6.33 10.91 6.08
HD2 PYB F . -7.67 10.05 5.26
HD3 PYB F . -6.75 11.32 4.40
N ABU G . -5.37 6.74 7.14
CD ABU G . -6.03 6.10 8.29
CB ABU G . -5.70 4.61 8.50
CG ABU G . -6.07 3.67 7.32
C ABU G . -6.99 4.27 6.25
O ABU G . -8.15 4.58 6.48
H ABU G . -4.59 6.31 6.68
HA1 ABU G . -5.77 6.66 9.20
HA2 ABU G . -7.12 6.20 8.18
HB1 ABU G . -6.23 4.28 9.40
HB2 ABU G . -4.63 4.50 8.74
HG1 ABU G . -6.57 2.78 7.74
HG2 ABU G . -5.16 3.30 6.85
N IMT H . -6.38 4.50 5.05
CA IMT H . -6.72 5.37 4.04
NB1 IMT H . -6.01 5.51 2.88
CB IMT H . -7.75 6.27 4.11
CG1 IMT H . -6.60 6.51 2.22
NG2 IMT H . -7.68 7.02 2.94
CD IMT H . -8.56 8.14 2.62
C IMT H . -6.23 7.09 0.88
O IMT H . -6.82 8.04 0.37
H IMT H . -5.51 4.00 4.91
HB IMT H . -8.48 6.46 4.88
HD1 IMT H . -7.97 9.05 2.49
HD2 IMT H . -9.10 7.93 1.69
HD3 IMT H . -9.29 8.31 3.43
N PYB I . -5.17 6.48 0.22
CA PYB I . -4.60 6.85 -1.00
CB1 PYB I . -3.64 6.11 -1.74
CB PYB I . -4.88 8.00 -1.69
CG1 PYB I . -3.37 6.81 -2.90
NG2 PYB I . -4.17 7.97 -2.87
CD PYB I . -4.31 9.01 -3.90
C PYB I . -2.40 6.59 -4.01
O PYB I . -2.28 7.39 -4.92
H PYB I . -4.82 5.63 0.67
HB1 PYB I . -3.20 5.16 -1.43
HB PYB I . -5.53 8.83 -1.44
HD1 PYB I . -5.11 9.70 -3.62
HD2 PYB I . -3.37 9.56 -4.00
HD3 PYB I . -4.57 8.54 -4.86
N PYB J . -1.62 5.43 -3.98
CA PYB J . -0.53 5.20 -4.82
CB1 PYB J . 0.09 3.95 -5.13
CB PYB J . 0.15 6.17 -5.50
CG1 PYB J . 1.07 4.18 -6.07
NG2 PYB J . 1.12 5.57 -6.28
CD PYB J . 2.03 6.35 -7.13
C PYB J . 2.00 3.27 -6.82
O PYB J . 2.78 3.71 -7.65
H PYB J . -1.94 4.70 -3.35
HB1 PYB J . -0.20 2.99 -4.72
HB PYB J . 0.01 7.25 -5.51
HD1 PYB J . 1.85 7.42 -6.99
HD2 PYB J . 3.07 6.12 -6.87
HD3 PYB J . 1.85 6.10 -8.19
N PYB K . 1.94 1.91 -6.52
CA PYB K . 2.79 0.93 -7.06
CB1 PYB K . 2.70 -0.45 -6.76
CB PYB K . 3.84 1.11 -7.92
CG1 PYB K . 3.72 -1.09 -7.44
NG2 PYB K . 4.41 -0.13 -8.18
CD PYB K . 5.52 -0.35 -9.11
C PYB K . 4.13 -2.53 -7.40
O PYB K . 5.12 -3.00 -7.94
H PYB K . 1.22 1.64 -5.88
HB1 PYB K . 1.99 -0.91 -6.10
HB PYB K . 4.23 2.01 -8.37
HD1 PYB K . 5.77 0.59 -9.62
HD2 PYB K . 6.40 -0.70 -8.56
HD3 PYB K . 5.24 -1.10 -9.86
C01 9T8 L . 11.29 -8.86 -4.54
N02 9T8 L . 6.00 -6.37 -5.88
C03 9T8 L . 8.94 -8.85 -5.38
C05 9T8 L . 7.40 -6.83 -5.88
C06 9T8 L . 5.53 -5.30 -5.16
C07 9T8 L . 4.01 -5.14 -5.14
C04 9T8 L . 7.49 -8.29 -5.39
N01 9T8 L . 9.94 -8.13 -4.47
C02 9T8 L . 9.44 -8.13 -3.02
N03 9T8 L . 3.27 -3.31 -6.68
C08 9T8 L . 3.42 -4.76 -6.51
O01 9T8 L . 6.28 -4.55 -4.54
H006 9T8 L . 11.17 -9.88 -4.18
H004 9T8 L . 12.01 -8.33 -3.90
H005 9T8 L . 11.65 -8.87 -5.57
HN02 9T8 L . 5.32 -6.93 -6.36
H031 9T8 L . 8.90 -9.90 -5.06
H032 9T8 L . 9.33 -8.83 -6.41
H052 9T8 L . 7.80 -6.75 -6.90
H051 9T8 L . 8.00 -6.18 -5.23
H072 9T8 L . 3.73 -4.42 -4.38
H071 9T8 L . 3.59 -6.11 -4.82
H042 9T8 L . 7.06 -8.38 -4.39
H041 9T8 L . 6.89 -8.93 -6.05
HN01 9T8 L . 10.07 -7.15 -4.80
H001 9T8 L . 10.18 -7.62 -2.39
H002 9T8 L . 9.32 -9.16 -2.68
H003 9T8 L . 8.48 -7.61 -2.96
H1 9T8 L . 2.43 -2.87 -6.36
H081 9T8 L . 2.42 -5.21 -6.60
H082 9T8 L . 4.02 -5.18 -7.32
N1 DCZ A 1 -9.28 -12.92 -5.51
C2 DCZ A 1 -9.84 -12.74 -6.79
N3 DCZ A 1 -9.80 -11.53 -7.40
C4 DCZ A 1 -9.24 -10.52 -6.77
C5 DCZ A 1 -8.65 -10.63 -5.49
C6 DCZ A 1 -8.70 -11.84 -4.87
O2 DCZ A 1 -10.36 -13.67 -7.41
N4 DCZ A 1 -9.27 -9.38 -7.41
C1' DCZ A 1 -9.43 -14.26 -4.86
C2' DCZ A 1 -8.41 -14.64 -3.78
C3' DCZ A 1 -9.09 -15.86 -3.18
C4' DCZ A 1 -10.59 -15.49 -3.31
O4' DCZ A 1 -10.66 -14.34 -4.16
O3' DCZ A 1 -8.80 -17.03 -3.93
C5' DCZ A 1 -11.29 -15.21 -1.97
O5' DCZ A 1 -10.69 -14.13 -1.24
H5 DCZ A 1 -8.20 -9.79 -4.99
H6 DCZ A 1 -8.27 -11.94 -3.89
HN41 DCZ A 1 -9.72 -9.35 -8.30
HN42 DCZ A 1 -8.87 -8.57 -6.98
H1' DCZ A 1 -9.39 -15.03 -5.63
H2'1 DCZ A 1 -8.31 -13.87 -3.01
H2'2 DCZ A 1 -7.44 -14.88 -4.21
H3' DCZ A 1 -8.82 -15.98 -2.13
H4' DCZ A 1 -11.10 -16.33 -3.79
H5'1 DCZ A 1 -12.33 -14.98 -2.17
H5'2 DCZ A 1 -11.25 -16.12 -1.37
HO51 DCZ A 1 -10.80 -13.30 -1.75
N1 DCZ B 1 7.58 -0.84 16.42
C2 DCZ B 1 6.60 0.02 16.92
N3 DCZ B 1 6.38 1.23 16.34
C4 DCZ B 1 7.09 1.55 15.28
C5 DCZ B 1 8.07 0.71 14.71
C6 DCZ B 1 8.29 -0.48 15.30
O2 DCZ B 1 5.91 -0.27 17.90
N4 DCZ B 1 6.86 2.74 14.80
C1' DCZ B 1 7.82 -2.15 17.08
C2' DCZ B 1 7.45 -3.33 16.19
C3' DCZ B 1 8.38 -4.42 16.70
C4' DCZ B 1 9.64 -3.61 17.04
O4' DCZ B 1 9.20 -2.30 17.39
O3' DCZ B 1 7.82 -5.03 17.86
C5' DCZ B 1 10.64 -3.54 15.87
O5' DCZ B 1 11.73 -2.65 16.16
H5 DCZ B 1 8.63 0.99 13.83
H6 DCZ B 1 9.04 -1.16 14.91
HN41 DCZ B 1 6.14 3.29 15.23
HN42 DCZ B 1 7.33 3.03 13.96
H1' DCZ B 1 7.25 -2.23 18.02
H2'1 DCZ B 1 7.64 -3.13 15.14
H2'2 DCZ B 1 6.41 -3.60 16.34
H3' DCZ B 1 8.60 -5.16 15.91
H4' DCZ B 1 10.14 -4.08 17.90
H5'1 DCZ B 1 11.05 -4.54 15.70
H5'2 DCZ B 1 10.13 -3.22 14.97
HO51 DCZ B 1 11.35 -1.79 16.46
O81 9TK C . 5.27 2.13 -5.17
C81 9TK C . 4.41 1.43 -4.62
C83 9TK C . 5.22 -2.11 -4.95
N81 9TK C . 5.49 -0.78 -5.17
C88 9TK C . 6.68 -0.29 -5.88
C82 9TK C . 4.44 -0.07 -4.60
N82 9TK C . 3.53 -0.89 -4.07
C84 9TK C . 4.03 -2.16 -4.28
H84 9TK C . 5.87 -2.90 -5.27
H883 9TK C . 7.23 -1.13 -6.30
H882 9TK C . 7.33 0.25 -5.18
H881 9TK C . 6.37 0.38 -6.69
H83 9TK C . 3.50 -3.04 -3.96
N PYB D . 3.34 2.00 -3.94
CA PYB D . 3.02 3.35 -3.82
CB1 PYB D . 2.02 3.87 -2.98
CB PYB D . 3.63 4.37 -4.50
CG1 PYB D . 2.02 5.24 -3.16
NG2 PYB D . 3.04 5.55 -4.07
CD PYB D . 3.53 6.87 -4.48
C PYB D . 1.12 6.30 -2.62
O PYB D . 1.19 7.45 -3.01
H PYB D . 2.77 1.31 -3.44
HB1 PYB D . 1.35 3.29 -2.36
HB PYB D . 4.42 4.36 -5.23
HD1 PYB D . 3.75 7.47 -3.59
HD2 PYB D . 4.45 6.76 -5.06
HD3 PYB D . 2.78 7.37 -5.08
N PYB E . 0.22 5.92 -1.63
CA PYB E . -0.77 6.76 -1.12
CB1 PYB E . -1.44 6.63 0.13
CB PYB E . -1.24 7.89 -1.73
CG1 PYB E . -2.25 7.73 0.28
NG2 PYB E . -2.12 8.51 -0.87
CD PYB E . -2.75 9.80 -1.20
C PYB E . -3.18 8.15 1.38
O PYB E . -3.84 9.16 1.29
H PYB E . 0.38 5.02 -1.21
HB1 PYB E . -1.29 5.82 0.83
HB PYB E . -0.99 8.31 -2.70
HD1 PYB E . -2.42 10.14 -2.19
HD2 PYB E . -2.47 10.55 -0.46
HD3 PYB E . -3.84 9.68 -1.22
N PYB F . -3.25 7.35 2.52
CA PYB F . -4.09 7.56 3.61
CB1 PYB F . -4.12 6.79 4.81
CB PYB F . -5.04 8.55 3.73
CG1 PYB F . -5.08 7.34 5.64
NG2 PYB F . -5.60 8.46 4.99
CD PYB F . -6.56 9.46 5.49
C PYB F . -5.62 6.90 6.96
O PYB F . -6.47 7.50 7.58
H PYB F . -2.58 6.57 2.55
HB1 PYB F . -3.51 5.93 5.02
HB PYB F . -5.34 9.33 3.04
HD1 PYB F . -7.53 8.97 5.69
HD2 PYB F . -6.71 10.25 4.76
HD3 PYB F . -6.18 9.90 6.42
N ABU G . -5.13 5.71 7.45
CD ABU G . -5.77 5.06 8.61
CB ABU G . -5.37 3.59 8.85
CG ABU G . -5.67 2.60 7.69
C ABU G . -6.71 3.11 6.69
O ABU G . -7.88 3.32 6.98
H ABU G . -4.37 5.27 6.95
HA1 ABU G . -5.55 5.65 9.50
HA2 ABU G . -6.85 5.10 8.48
HB1 ABU G . -5.91 3.25 9.75
HB2 ABU G . -4.29 3.54 9.11
HG1 ABU G . -6.02 1.65 8.11
HG2 ABU G . -4.73 2.38 7.17
N IMT H . -6.18 3.40 5.46
CA IMT H . -6.62 4.29 4.53
NB1 IMT H . -6.00 4.50 3.32
CB IMT H . -7.65 5.17 4.70
CG1 IMT H . -6.66 5.50 2.75
NG2 IMT H . -7.70 5.95 3.57
CD IMT H . -8.68 7.02 3.33
C IMT H . -6.42 6.13 1.40
O IMT H . -7.04 7.10 0.98
H IMT H . -5.31 2.94 5.25
HB IMT H . -8.32 5.31 5.54
HD1 IMT H . -9.38 7.08 4.18
HD2 IMT H . -8.15 7.97 3.24
HD3 IMT H . -9.24 6.81 2.41
N PYB I . -5.41 5.53 0.66
CA PYB I . -4.95 5.89 -0.60
CB1 PYB I . -4.03 5.17 -1.41
CB PYB I . -5.31 7.03 -1.27
CG1 PYB I . -3.87 5.87 -2.59
NG2 PYB I . -4.69 7.01 -2.51
CD PYB I . -4.95 8.02 -3.54
C PYB I . -2.99 5.64 -3.77
O PYB I . -2.98 6.44 -4.70
H PYB I . -5.03 4.67 1.07
HB1 PYB I . -3.55 4.23 -1.13
HB PYB I . -5.97 7.85 -0.99
HD1 PYB I . -5.73 8.71 -3.18
HD2 PYB I . -4.05 8.59 -3.75
HD3 PYB I . -5.31 7.53 -4.45
N PYB J . -2.17 4.52 -3.79
CA PYB J . -1.11 4.35 -4.71
CB1 PYB J . -0.45 3.13 -5.05
CB PYB J . -0.54 5.35 -5.43
CG1 PYB J . 0.44 3.42 -6.07
NG2 PYB J . 0.40 4.81 -6.27
CD PYB J . 1.20 5.64 -7.18
C PYB J . 1.37 2.58 -6.88
O PYB J . 2.02 3.04 -7.81
H PYB J . -2.41 3.79 -3.14
HB1 PYB J . -0.66 2.15 -4.63
HB PYB J . -0.73 6.43 -5.41
HD1 PYB J . 1.00 6.70 -6.99
HD2 PYB J . 2.27 5.45 -7.03
HD3 PYB J . 0.93 5.42 -8.22
N PYB K . 1.44 1.22 -6.58
CA PYB K . 2.35 0.32 -7.16
CB1 PYB K . 2.36 -1.08 -6.96
CB PYB K . 3.38 0.62 -8.01
CG1 PYB K . 3.37 -1.63 -7.70
NG2 PYB K . 4.02 -0.57 -8.35
CD PYB K . 5.16 -0.65 -9.28
C PYB K . 3.83 -3.03 -7.82
O PYB K . 4.83 -3.41 -8.40
H PYB K . 0.79 0.90 -5.89
HB1 PYB K . 1.67 -1.62 -6.30
HB PYB K . 3.73 1.57 -8.41
HD1 PYB K . 6.01 -1.14 -8.79
HD2 PYB K . 4.87 -1.20 -10.18
HD3 PYB K . 5.47 0.36 -9.58
C01 9T8 L . 11.26 -9.30 -4.16
N02 9T8 L . 5.67 -7.31 -6.30
C03 9T8 L . 9.10 -8.73 -5.26
C05 9T8 L . 7.07 -7.75 -6.45
C06 9T8 L . 5.31 -6.08 -5.82
C07 9T8 L . 3.81 -5.82 -5.76
C04 9T8 L . 7.62 -8.32 -5.12
N01 9T8 L . 9.76 -9.12 -3.94
C02 9T8 L . 9.17 -10.42 -3.39
N03 9T8 L . 3.00 -3.93 -7.19
C08 9T8 L . 3.23 -5.37 -7.12
O01 9T8 L . 6.14 -5.27 -5.44
H006 9T8 L . 11.71 -8.37 -4.53
H004 9T8 L . 11.42 -10.09 -4.89
H005 9T8 L . 11.74 -9.58 -3.22
HN02 9T8 L . 4.93 -7.93 -6.61
H031 9T8 L . 9.20 -9.56 -5.95
H032 9T8 L . 9.66 -7.87 -5.67
H052 9T8 L . 7.12 -8.51 -7.23
H051 9T8 L . 7.69 -6.89 -6.76
H072 9T8 L . 3.61 -5.07 -4.99
H071 9T8 L . 3.32 -6.74 -5.44
H042 9T8 L . 7.53 -7.56 -4.34
H041 9T8 L . 7.02 -9.18 -4.81
HN01 9T8 L . 9.62 -8.35 -3.23
H001 9T8 L . 9.32 -11.21 -4.12
H002 9T8 L . 8.09 -10.28 -3.22
H003 9T8 L . 9.65 -10.68 -2.45
H1 9T8 L . 2.12 -3.54 -6.84
H081 9T8 L . 2.25 -5.88 -7.27
H082 9T8 L . 3.87 -5.70 -7.94
N1 DCZ A 1 -9.96 -12.83 -5.43
C2 DCZ A 1 -11.04 -12.38 -6.21
N3 DCZ A 1 -11.16 -11.08 -6.55
C4 DCZ A 1 -10.22 -10.23 -6.18
C5 DCZ A 1 -9.06 -10.62 -5.45
C6 DCZ A 1 -8.97 -11.93 -5.09
O2 DCZ A 1 -11.91 -13.16 -6.64
N4 DCZ A 1 -10.41 -8.98 -6.50
C1' DCZ A 1 -9.95 -14.26 -4.98
C2' DCZ A 1 -8.72 -14.74 -4.20
C3' DCZ A 1 -9.23 -16.05 -3.61
C4' DCZ A 1 -10.71 -15.71 -3.34
O4' DCZ A 1 -10.98 -14.50 -4.03
O3' DCZ A 1 -9.07 -17.10 -4.55
C5' DCZ A 1 -11.08 -15.56 -1.85
O5' DCZ A 1 -10.32 -14.59 -1.15
H5 DCZ A 1 -8.29 -9.94 -5.17
H6 DCZ A 1 -8.11 -12.25 -4.52
HN41 DCZ A 1 -11.24 -8.75 -6.99
HN42 DCZ A 1 -9.73 -8.30 -6.23
H1' DCZ A 1 -10.09 -14.92 -5.84
H2'1 DCZ A 1 -8.48 -14.05 -3.39
H2'2 DCZ A 1 -7.86 -14.89 -4.86
H3' DCZ A 1 -8.71 -16.28 -2.67
H4' DCZ A 1 -11.32 -16.52 -3.77
H5'1 DCZ A 1 -12.14 -15.30 -1.80
H5'2 DCZ A 1 -10.96 -16.53 -1.37
HO51 DCZ A 1 -9.43 -14.93 -0.94
N1 DCZ B 1 8.07 -0.31 15.31
C2 DCZ B 1 7.22 0.33 16.22
N3 DCZ B 1 6.92 1.65 16.08
C4 DCZ B 1 7.42 2.30 15.06
C5 DCZ B 1 8.24 1.70 14.06
C6 DCZ B 1 8.54 0.39 14.22
O2 DCZ B 1 6.70 -0.27 17.16
N4 DCZ B 1 7.15 3.57 14.99
C1' DCZ B 1 8.53 -1.71 15.55
C2' DCZ B 1 8.02 -2.66 14.47
C3' DCZ B 1 9.10 -3.75 14.46
C4' DCZ B 1 10.36 -2.94 14.78
O4' DCZ B 1 9.95 -1.76 15.48
O3' DCZ B 1 8.85 -4.73 15.46
C5' DCZ B 1 11.20 -2.62 13.53
O5' DCZ B 1 10.49 -1.97 12.48
H5 DCZ B 1 8.62 2.25 13.20
H6 DCZ B 1 9.18 -0.11 13.50
HN41 DCZ B 1 6.56 3.97 15.71
HN42 DCZ B 1 7.46 4.10 14.20
H1' DCZ B 1 8.20 -2.06 16.53
H2'1 DCZ B 1 7.98 -2.18 13.50
H2'2 DCZ B 1 7.05 -3.08 14.74
H3' DCZ B 1 9.18 -4.20 13.47
H4' DCZ B 1 10.99 -3.54 15.45
H5'1 DCZ B 1 12.06 -2.01 13.83
H5'2 DCZ B 1 11.60 -3.56 13.15
HO51 DCZ B 1 11.07 -1.87 11.69
O81 9TK C . 5.24 2.19 -5.08
C81 9TK C . 4.42 1.49 -4.49
C83 9TK C . 5.34 -2.03 -4.69
N81 9TK C . 5.56 -0.71 -4.99
C88 9TK C . 6.71 -0.21 -5.75
C82 9TK C . 4.49 -0.01 -4.42
N82 9TK C . 3.62 -0.84 -3.84
C84 9TK C . 4.16 -2.09 -4.02
H84 9TK C . 6.02 -2.84 -4.98
H883 9TK C . 6.37 0.42 -6.58
H882 9TK C . 7.28 -1.05 -6.16
H881 9TK C . 7.37 0.37 -5.09
H83 9TK C . 3.67 -2.98 -3.65
N PYB D . 3.36 2.05 -3.77
CA PYB D . 3.04 3.39 -3.65
CB1 PYB D . 2.01 3.93 -2.83
CB PYB D . 3.65 4.43 -4.31
CG1 PYB D . 2.01 5.30 -2.99
NG2 PYB D . 3.04 5.61 -3.89
CD PYB D . 3.53 6.93 -4.31
C PYB D . 1.11 6.35 -2.46
O PYB D . 1.19 7.51 -2.85
H PYB D . 2.81 1.37 -3.25
HB1 PYB D . 1.33 3.34 -2.20
HB PYB D . 4.46 4.43 -5.02
HD1 PYB D . 2.77 7.43 -4.92
HD2 PYB D . 3.75 7.54 -3.43
HD3 PYB D . 4.45 6.82 -4.90
N PYB E . 0.18 5.98 -1.50
CA PYB E . -0.83 6.82 -0.99
CB1 PYB E . -1.55 6.64 0.22
CB PYB E . -1.26 7.97 -1.59
CG1 PYB E . -2.39 7.73 0.37
NG2 PYB E . -2.17 8.57 -0.74
CD PYB E . -2.73 9.90 -1.02
C PYB E . -3.41 8.08 1.40
O PYB E . -4.12 9.07 1.28
H PYB E . 0.31 5.06 -1.09
HB1 PYB E . -1.46 5.80 0.90
HB PYB E . -0.97 8.43 -2.52
HD1 PYB E . -2.25 10.33 -1.90
HD2 PYB E . -2.54 10.57 -0.16
HD3 PYB E . -3.81 9.82 -1.19
N PYB F . -3.52 7.25 2.51
CA PYB F . -4.47 7.37 3.52
CB1 PYB F . -4.47 6.68 4.77
CB PYB F . -5.57 8.20 3.49
CG1 PYB F . -5.55 7.14 5.50
NG2 PYB F . -6.22 8.07 4.71
CD PYB F . -7.45 8.83 5.03
C PYB F . -6.06 6.76 6.84
O PYB F . -7.03 7.26 7.39
H PYB F . -2.80 6.54 2.59
HB1 PYB F . -3.74 5.95 5.08
HB PYB F . -5.95 8.86 2.73
HD1 PYB F . -7.27 9.46 5.90
HD2 PYB F . -8.26 8.13 5.24
HD3 PYB F . -7.73 9.46 4.18
N ABU G . -5.39 5.73 7.46
CD ABU G . -5.95 5.08 8.67
CB ABU G . -5.57 3.60 8.84
CG ABU G . -5.77 2.71 7.59
C ABU G . -6.86 3.19 6.61
O ABU G . -8.02 3.42 6.95
H ABU G . -4.54 5.39 7.04
HA1 ABU G . -5.62 5.64 9.56
HA2 ABU G . -7.04 5.15 8.65
HB1 ABU G . -6.18 3.19 9.67
HB2 ABU G . -4.53 3.52 9.19
HG1 ABU G . -5.98 1.68 7.89
HG2 ABU G . -4.82 2.67 7.06
N IMT H . -6.39 3.40 5.34
CA IMT H . -6.89 4.16 4.34
NB1 IMT H . -6.21 4.37 3.17
CB IMT H . -8.04 4.90 4.38
CG1 IMT H . -6.94 5.26 2.50
NG2 IMT H . -8.10 5.59 3.19
CD IMT H . -9.22 6.44 2.77
C IMT H . -6.62 5.91 1.17
O IMT H . -7.29 6.81 0.68
H IMT H . -5.49 2.98 5.16
HB IMT H . -8.79 4.98 5.16
HD1 IMT H . -9.63 6.08 1.81
HD2 IMT H . -10.01 6.41 3.52
HD3 IMT H . -8.88 7.49 2.65
N PYB I . -5.51 5.38 0.51
CA PYB I . -4.95 5.81 -0.69
CB1 PYB I . -3.96 5.13 -1.45
CB PYB I . -5.27 6.97 -1.34
CG1 PYB I . -3.71 5.87 -2.58
NG2 PYB I . -4.57 6.98 -2.54
CD PYB I . -4.83 7.99 -3.57
C PYB I . -2.73 5.72 -3.68
O PYB I . -2.59 6.60 -4.53
H PYB I . -5.12 4.53 0.95
HB1 PYB I . -3.49 4.20 -1.16
HB PYB I . -5.97 7.76 -1.07
HD1 PYB I . -5.70 8.59 -3.30
HD2 PYB I . -3.97 8.66 -3.67
HD3 PYB I . -5.03 7.50 -4.53
N PYB J . -1.97 4.54 -3.75
CA PYB J . -0.94 4.30 -4.67
CB1 PYB J . -0.34 3.05 -5.00
CB PYB J . -0.32 5.28 -5.42
CG1 PYB J . 0.57 3.27 -6.01
NG2 PYB J . 0.60 4.66 -6.25
CD PYB J . 1.44 5.43 -7.18
C PYB J . 1.47 2.37 -6.79
O PYB J . 2.17 2.79 -7.71
H PYB J . -2.29 3.79 -3.14
HB1 PYB J . -0.59 2.09 -4.56
HB PYB J . -0.45 6.34 -5.44
HD1 PYB J . 1.27 6.51 -7.04
HD2 PYB J . 2.50 5.22 -6.99
HD3 PYB J . 1.18 5.16 -8.22
N PYB K . 1.48 1.02 -6.46
CA PYB K . 2.36 0.06 -6.99
CB1 PYB K . 2.34 -1.32 -6.67
CB PYB K . 3.40 0.27 -7.86
CG1 PYB K . 3.37 -1.93 -7.35
NG2 PYB K . 4.02 -0.95 -8.10
CD PYB K . 5.15 -1.13 -9.02
C PYB K . 3.83 -3.34 -7.30
O PYB K . 4.86 -3.78 -7.80
H PYB K . 0.79 0.74 -5.79
HB1 PYB K . 1.65 -1.79 -5.99
HB PYB K . 3.76 1.17 -8.34
HD1 PYB K . 6.08 -1.23 -8.45
HD2 PYB K . 5.00 -2.03 -9.63
HD3 PYB K . 5.23 -0.26 -9.69
C01 9T8 L . 10.15 -11.17 -3.38
N02 9T8 L . 5.70 -7.38 -5.77
C03 9T8 L . 8.56 -9.76 -4.68
C05 9T8 L . 7.07 -7.95 -5.76
C06 9T8 L . 5.36 -6.20 -5.14
C07 9T8 L . 3.85 -5.95 -5.03
C04 9T8 L . 7.13 -9.20 -4.86
N01 9T8 L . 8.68 -10.79 -3.56
C02 9T8 L . 7.86 -12.05 -3.86
N03 9T8 L . 3.00 -4.15 -6.56
C08 9T8 L . 3.21 -5.59 -6.39
O01 9T8 L . 6.19 -5.45 -4.65
H006 9T8 L . 10.74 -10.28 -3.15
H004 9T8 L . 10.53 -11.63 -4.30
H005 9T8 L . 10.23 -11.88 -2.56
HN02 9T8 L . 4.95 -7.93 -6.15
H031 9T8 L . 8.90 -10.21 -5.62
H032 9T8 L . 9.23 -8.93 -4.44
H052 9T8 L . 7.34 -8.23 -6.80
H051 9T8 L . 7.79 -7.21 -5.42
H072 9T8 L . 3.67 -5.16 -4.29
H071 9T8 L . 3.41 -6.85 -4.64
H042 9T8 L . 6.74 -8.93 -3.88
H041 9T8 L . 6.47 -9.99 -5.26
HN01 9T8 L . 8.34 -10.37 -2.65
H001 9T8 L . 6.81 -11.78 -3.93
H002 9T8 L . 8.00 -12.75 -3.05
H003 9T8 L . 8.21 -12.48 -4.80
H1 9T8 L . 2.13 -3.73 -6.25
H081 9T8 L . 2.21 -6.07 -6.43
H082 9T8 L . 3.80 -6.00 -7.21
N1 DCZ A 1 -7.48 -11.15 -5.76
C2 DCZ A 1 -7.33 -10.17 -6.76
N3 DCZ A 1 -6.75 -8.97 -6.48
C4 DCZ A 1 -6.30 -8.76 -5.26
C5 DCZ A 1 -6.38 -9.72 -4.21
C6 DCZ A 1 -6.99 -10.90 -4.49
O2 DCZ A 1 -7.73 -10.34 -7.92
N4 DCZ A 1 -5.77 -7.59 -5.05
C1' DCZ A 1 -8.16 -12.42 -6.13
C2' DCZ A 1 -8.04 -13.59 -5.14
C3' DCZ A 1 -9.08 -14.55 -5.70
C4' DCZ A 1 -10.16 -13.56 -6.16
O4' DCZ A 1 -9.58 -12.26 -6.19
O3' DCZ A 1 -8.52 -15.26 -6.80
C5' DCZ A 1 -11.40 -13.56 -5.23
O5' DCZ A 1 -11.11 -13.17 -3.90
H5 DCZ A 1 -6.00 -9.52 -3.23
H6 DCZ A 1 -7.09 -11.64 -3.71
HN41 DCZ A 1 -5.81 -6.93 -5.81
HN42 DCZ A 1 -5.42 -7.37 -4.14
H1' DCZ A 1 -7.80 -12.75 -7.10
H2'1 DCZ A 1 -8.33 -13.31 -4.14
H2'2 DCZ A 1 -7.04 -14.03 -5.17
H3' DCZ A 1 -9.46 -15.22 -4.93
H4' DCZ A 1 -10.49 -13.84 -7.16
H5'1 DCZ A 1 -12.15 -12.89 -5.66
H5'2 DCZ A 1 -11.83 -14.57 -5.23
HO51 DCZ A 1 -10.71 -12.27 -3.92
N1 DCZ B 1 7.48 -0.26 14.33
C2 DCZ B 1 6.71 0.56 15.18
N3 DCZ B 1 6.41 1.83 14.83
C4 DCZ B 1 6.81 2.26 13.65
C5 DCZ B 1 7.51 1.46 12.71
C6 DCZ B 1 7.82 0.20 13.09
O2 DCZ B 1 6.30 0.17 16.27
N4 DCZ B 1 6.55 3.51 13.38
C1' DCZ B 1 7.94 -1.60 14.81
C2' DCZ B 1 7.22 -2.74 14.11
C3' DCZ B 1 8.26 -3.86 14.07
C4' DCZ B 1 9.58 -3.08 14.02
O4' DCZ B 1 9.33 -1.76 14.50
O3' DCZ B 1 8.19 -4.69 15.23
C5' DCZ B 1 10.20 -3.06 12.62
O5' DCZ B 1 9.31 -2.62 11.59
H5 DCZ B 1 7.80 1.82 11.74
H6 DCZ B 1 8.39 -0.46 12.43
HN41 DCZ B 1 6.02 4.04 14.07
HN42 DCZ B 1 6.78 3.89 12.48
H1' DCZ B 1 7.80 -1.70 15.89
H2'1 DCZ B 1 6.96 -2.48 13.09
H2'2 DCZ B 1 6.33 -3.05 14.66
H3' DCZ B 1 8.14 -4.45 13.16
H4' DCZ B 1 10.30 -3.57 14.69
H5'1 DCZ B 1 11.08 -2.41 12.63
H5'2 DCZ B 1 10.55 -4.07 12.38
HO51 DCZ B 1 9.77 -2.65 10.72
O81 9TK C . 5.48 1.99 -4.72
C81 9TK C . 4.60 1.28 -4.23
C83 9TK C . 5.47 -2.25 -4.47
N81 9TK C . 5.72 -0.92 -4.73
C88 9TK C . 6.92 -0.45 -5.43
C82 9TK C . 4.64 -0.22 -4.22
N82 9TK C . 3.71 -1.04 -3.73
C84 9TK C . 4.23 -2.30 -3.88
H84 9TK C . 6.14 -3.06 -4.74
H883 9TK C . 7.35 -1.27 -6.03
H882 9TK C . 7.68 -0.12 -4.70
H881 9TK C . 6.68 0.37 -6.11
H83 9TK C . 3.71 -3.18 -3.55
N PYB D . 3.48 1.84 -3.61
CA PYB D . 3.17 3.19 -3.46
CB1 PYB D . 2.07 3.70 -2.71
CB PYB D . 3.87 4.24 -3.98
CG1 PYB D . 2.11 5.07 -2.81
NG2 PYB D . 3.25 5.41 -3.56
CD PYB D . 3.84 6.73 -3.79
C PYB D . 1.17 6.14 -2.34
O PYB D . 1.29 7.29 -2.71
H PYB D . 2.87 1.14 -3.18
HB1 PYB D . 1.32 3.10 -2.20
HB PYB D . 4.76 4.25 -4.60
HD1 PYB D . 3.89 7.28 -2.84
HD2 PYB D . 4.87 6.62 -4.18
HD3 PYB D . 3.24 7.28 -4.51
N PYB E . 0.16 5.76 -1.46
CA PYB E . -0.85 6.60 -1.00
CB1 PYB E . -1.63 6.45 0.18
CB PYB E . -1.25 7.76 -1.62
CG1 PYB E . -2.45 7.55 0.30
NG2 PYB E . -2.21 8.35 -0.82
CD PYB E . -2.84 9.64 -1.18
C PYB E . -3.45 7.95 1.34
O PYB E . -4.14 8.96 1.20
H PYB E . 0.26 4.83 -1.05
HB1 PYB E . -1.56 5.61 0.87
HB PYB E . -0.92 8.23 -2.54
HD1 PYB E . -2.44 10.01 -2.14
HD2 PYB E . -2.62 10.39 -0.41
HD3 PYB E . -3.92 9.52 -1.27
N PYB F . -3.59 7.13 2.46
CA PYB F . -4.53 7.30 3.48
CB1 PYB F . -4.60 6.53 4.67
CB PYB F . -5.55 8.22 3.52
CG1 PYB F . -5.66 6.99 5.41
NG2 PYB F . -6.23 8.06 4.72
CD PYB F . -7.41 8.86 5.09
C PYB F . -6.23 6.52 6.70
O PYB F . -7.14 7.05 7.31
H PYB F . -2.91 6.38 2.53
HB1 PYB F . -3.94 5.71 4.93
HB PYB F . -5.85 8.98 2.81
HD1 PYB F . -7.19 9.42 6.01
HD2 PYB F . -8.26 8.20 5.27
HD3 PYB F . -7.66 9.56 4.28
N ABU G . -5.70 5.33 7.18
CD ABU G . -6.28 4.63 8.33
CB ABU G . -5.89 3.13 8.41
CG ABU G . -6.54 2.21 7.34
C ABU G . -7.37 2.91 6.27
O ABU G . -8.54 3.23 6.47
H ABU G . -4.92 4.94 6.66
HA1 ABU G . -5.94 5.13 9.24
HA2 ABU G . -7.37 4.71 8.32
HB1 ABU G . -6.18 2.77 9.40
HB2 ABU G . -4.80 3.04 8.37
HG1 ABU G . -7.20 1.50 7.85
HG2 ABU G . -5.76 1.62 6.87
N IMT H . -6.70 3.18 5.09
CA IMT H . -7.04 4.06 4.11
NB1 IMT H . -6.30 4.27 2.98
CB IMT H . -8.11 4.92 4.14
CG1 IMT H . -6.92 5.24 2.30
NG2 IMT H . -8.06 5.66 2.99
CD IMT H . -9.07 6.66 2.60
C IMT H . -6.53 5.85 0.99
O IMT H . -7.13 6.81 0.50
H IMT H . -5.83 2.70 4.98
HB IMT H . -8.88 5.05 4.89
HD1 IMT H . -8.59 7.65 2.52
HD2 IMT H . -9.51 6.39 1.64
HD3 IMT H . -9.86 6.72 3.35
N PYB I . -5.45 5.25 0.33
CA PYB I . -4.90 5.63 -0.89
CB1 PYB I . -3.89 4.91 -1.61
CB PYB I . -5.22 6.75 -1.61
CG1 PYB I . -3.63 5.60 -2.77
NG2 PYB I . -4.48 6.71 -2.79
CD PYB I . -4.70 7.68 -3.87
C PYB I . -2.63 5.39 -3.87
O PYB I . -2.50 6.21 -4.76
H PYB I . -5.10 4.42 0.79
HB1 PYB I . -3.41 3.99 -1.26
HB PYB I . -5.92 7.54 -1.41
HD1 PYB I . -3.80 8.29 -4.02
HD2 PYB I . -4.95 7.16 -4.80
HD3 PYB I . -5.54 8.35 -3.61
N PYB J . -1.85 4.24 -3.85
CA PYB J . -0.74 4.02 -4.70
CB1 PYB J . -0.13 2.78 -5.07
CB PYB J . -0.06 5.03 -5.34
CG1 PYB J . 0.86 3.06 -5.99
NG2 PYB J . 0.93 4.46 -6.12
CD PYB J . 1.91 5.28 -6.86
C PYB J . 1.80 2.20 -6.78
O PYB J . 2.51 2.66 -7.66
H PYB J . -2.17 3.49 -3.25
HB1 PYB J . -0.43 1.81 -4.71
HB PYB J . -0.19 6.10 -5.30
HD1 PYB J . 1.83 6.33 -6.54
HD2 PYB J . 2.93 4.92 -6.64
HD3 PYB J . 1.71 5.21 -7.94
N PYB K . 1.84 0.84 -6.51
CA PYB K . 2.77 -0.07 -7.00
CB1 PYB K . 2.78 -1.46 -6.73
CB PYB K . 3.86 0.19 -7.80
CG1 PYB K . 3.87 -2.03 -7.34
NG2 PYB K . 4.54 -1.00 -8.02
CD PYB K . 5.75 -1.07 -8.85
C PYB K . 4.37 -3.43 -7.25
O PYB K . 5.46 -3.82 -7.62
H PYB K . 1.12 0.52 -5.87
HB1 PYB K . 2.06 -1.97 -6.09
HB PYB K . 4.21 1.12 -8.22
HD1 PYB K . 5.59 -0.51 -9.79
HD2 PYB K . 6.59 -0.61 -8.32
HD3 PYB K . 6.01 -2.09 -9.12
C01 9T8 L . 11.01 -10.64 -4.62
N02 9T8 L . 6.03 -7.53 -5.45
C03 9T8 L . 9.00 -9.98 -5.95
C05 9T8 L . 7.40 -8.05 -5.32
C06 9T8 L . 5.63 -6.33 -4.91
C07 9T8 L . 4.13 -6.04 -5.03
C04 9T8 L . 7.55 -9.42 -6.02
N01 9T8 L . 9.53 -10.24 -4.54
C02 9T8 L . 8.74 -11.37 -3.86
N03 9T8 L . 3.47 -4.28 -6.67
C08 9T8 L . 3.69 -5.71 -6.47
O01 9T8 L . 6.41 -5.58 -4.35
H006 9T8 L . 11.58 -9.83 -5.08
H004 9T8 L . 11.10 -11.54 -5.23
H005 9T8 L . 11.38 -10.85 -3.62
HN02 9T8 L . 5.34 -8.08 -5.94
H031 9T8 L . 9.06 -10.91 -6.50
H032 9T8 L . 9.67 -9.26 -6.43
H052 9T8 L . 8.11 -7.34 -5.77
H051 9T8 L . 7.64 -8.15 -4.26
H072 9T8 L . 3.87 -5.25 -4.34
H071 9T8 L . 3.60 -6.94 -4.70
H042 9T8 L . 6.85 -10.15 -5.58
H041 9T8 L . 7.28 -9.32 -7.08
HN01 9T8 L . 9.45 -9.38 -3.95
H001 9T8 L . 8.82 -12.28 -4.46
H002 9T8 L . 7.69 -11.07 -3.76
H003 9T8 L . 9.17 -11.55 -2.87
H1 9T8 L . 2.56 -3.88 -6.45
H081 9T8 L . 2.74 -6.23 -6.68
H082 9T8 L . 4.43 -6.09 -7.20
#